data_4ZR1
#
_entry.id   4ZR1
#
_cell.length_a   202.762
_cell.length_b   202.762
_cell.length_c   202.762
_cell.angle_alpha   90.00
_cell.angle_beta   90.00
_cell.angle_gamma   90.00
#
_symmetry.space_group_name_H-M   'I 21 3'
#
loop_
_entity.id
_entity.type
_entity.pdbx_description
1 polymer 'Ceramide very long chain fatty acid hydroxylase SCS7'
2 non-polymer 'ZINC ION'
3 non-polymer 'octyl beta-D-glucopyranoside'
4 non-polymer TRIDECANE
#
_entity_poly.entity_id   1
_entity_poly.type   'polypeptide(L)'
_entity_poly.pdbx_seq_one_letter_code
;MARLLTNKNHKVEVQLSADGTEFDSTTFVKELPAEEKLSIATDYSNDYKKHKFLDLNRPLLMQILRSDFKKDFYVDQIHR
PRHYGKGSAPLFGNFLEPLTKTAWWVVPVAWLPVVVYHMGVALKNMNQLFACFLFCVGVFVWTLIEYGLHRFLFHFDDWL
PESNIAFATHFLLHGCHHYLPMDKYRLVMPPTLFVILCAPFYKLVFALLPLYWAYAGFAGGLFGYVCYDECHFFLHHSKL
PPFMRKLKKYHLEHHYKNYQLGFGVTSWFWDEVFGTYLGPDAPLSKMKYESGLEVLFQ
;
_entity_poly.pdbx_strand_id   A,B
#
loop_
_chem_comp.id
_chem_comp.type
_chem_comp.name
_chem_comp.formula
BOG D-saccharide 'octyl beta-D-glucopyranoside' 'C14 H28 O6'
TRD non-polymer TRIDECANE 'C13 H28'
ZN non-polymer 'ZINC ION' 'Zn 2'
#
# COMPACT_ATOMS: atom_id res chain seq x y z
N PHE A 23 -35.27 -7.27 8.94
CA PHE A 23 -35.48 -8.46 8.13
C PHE A 23 -34.58 -8.45 6.91
N ASP A 24 -35.00 -7.73 5.88
CA ASP A 24 -34.17 -7.55 4.69
C ASP A 24 -33.27 -6.32 4.86
N SER A 25 -31.96 -6.52 4.73
CA SER A 25 -31.00 -5.47 5.07
C SER A 25 -30.94 -4.37 4.03
N THR A 26 -31.44 -4.66 2.83
CA THR A 26 -31.39 -3.72 1.72
C THR A 26 -32.45 -2.65 1.83
N THR A 27 -33.31 -2.74 2.83
CA THR A 27 -34.39 -1.80 3.00
C THR A 27 -34.09 -0.87 4.18
N PHE A 28 -34.01 0.42 3.86
CA PHE A 28 -33.76 1.45 4.86
C PHE A 28 -34.89 1.48 5.89
N VAL A 29 -34.55 1.84 7.13
CA VAL A 29 -35.54 1.87 8.21
C VAL A 29 -35.60 3.26 8.86
N LYS A 30 -36.76 3.65 9.36
CA LYS A 30 -36.91 4.96 10.00
C LYS A 30 -36.17 4.93 11.33
N GLU A 31 -36.08 3.75 11.93
CA GLU A 31 -35.37 3.59 13.19
C GLU A 31 -34.51 2.33 13.12
N LEU A 32 -33.28 2.44 13.61
CA LEU A 32 -32.33 1.34 13.60
C LEU A 32 -32.89 0.10 14.29
N PRO A 33 -32.61 -1.09 13.74
CA PRO A 33 -32.97 -2.36 14.36
C PRO A 33 -31.95 -2.78 15.40
N ALA A 34 -32.03 -4.03 15.85
CA ALA A 34 -31.11 -4.54 16.86
C ALA A 34 -29.71 -4.65 16.31
N GLU A 35 -28.73 -4.45 17.18
CA GLU A 35 -27.32 -4.57 16.83
C GLU A 35 -27.02 -5.89 16.07
N GLU A 36 -27.66 -6.99 16.47
CA GLU A 36 -27.33 -8.30 15.93
C GLU A 36 -28.04 -8.61 14.63
N LYS A 37 -28.99 -7.77 14.24
CA LYS A 37 -29.59 -7.83 12.91
C LYS A 37 -28.66 -7.21 11.86
N LEU A 38 -27.59 -6.57 12.31
CA LEU A 38 -26.64 -5.95 11.41
C LEU A 38 -25.45 -6.84 11.08
N SER A 39 -25.42 -8.04 11.66
CA SER A 39 -24.39 -9.02 11.35
C SER A 39 -24.98 -10.30 10.78
N ILE A 40 -26.27 -10.24 10.45
CA ILE A 40 -26.95 -11.37 9.79
C ILE A 40 -26.43 -11.56 8.37
N ALA A 41 -25.82 -12.71 8.13
CA ALA A 41 -25.22 -13.00 6.82
C ALA A 41 -26.27 -12.99 5.72
N THR A 42 -25.94 -12.32 4.62
CA THR A 42 -26.80 -12.32 3.44
C THR A 42 -26.76 -13.69 2.78
N ASP A 43 -27.91 -14.19 2.34
CA ASP A 43 -28.00 -15.33 1.43
C ASP A 43 -27.50 -14.89 0.05
N TYR A 44 -26.38 -15.41 -0.42
CA TYR A 44 -25.76 -14.89 -1.64
C TYR A 44 -26.65 -15.15 -2.86
N SER A 45 -26.99 -16.42 -3.10
CA SER A 45 -27.84 -16.79 -4.23
C SER A 45 -29.15 -16.01 -4.27
N ASN A 46 -29.83 -15.94 -3.15
CA ASN A 46 -31.10 -15.24 -3.11
C ASN A 46 -30.92 -13.78 -3.50
N ASP A 47 -29.89 -13.15 -2.93
CA ASP A 47 -29.62 -11.74 -3.12
C ASP A 47 -29.29 -11.40 -4.58
N TYR A 48 -28.52 -12.26 -5.24
CA TYR A 48 -28.19 -12.01 -6.64
C TYR A 48 -29.44 -12.14 -7.50
N LYS A 49 -30.21 -13.20 -7.28
CA LYS A 49 -31.42 -13.42 -8.06
C LYS A 49 -32.44 -12.32 -7.82
N LYS A 50 -32.54 -11.85 -6.58
CA LYS A 50 -33.56 -10.88 -6.23
C LYS A 50 -33.26 -9.48 -6.77
N HIS A 51 -32.04 -8.99 -6.57
CA HIS A 51 -31.72 -7.61 -6.90
C HIS A 51 -30.92 -7.48 -8.21
N LYS A 52 -30.42 -8.60 -8.71
CA LYS A 52 -29.72 -8.64 -10.00
C LYS A 52 -28.54 -7.67 -10.02
N PHE A 53 -27.77 -7.66 -8.95
CA PHE A 53 -26.68 -6.69 -8.79
C PHE A 53 -25.30 -7.34 -8.79
N LEU A 54 -24.76 -7.61 -7.61
CA LEU A 54 -23.49 -8.30 -7.51
C LEU A 54 -23.64 -9.65 -6.82
N ASP A 55 -22.89 -10.62 -7.29
CA ASP A 55 -22.87 -11.95 -6.68
C ASP A 55 -21.79 -11.95 -5.62
N LEU A 56 -22.19 -11.88 -4.36
CA LEU A 56 -21.25 -11.87 -3.23
C LEU A 56 -20.30 -13.07 -3.19
N ASN A 57 -20.69 -14.14 -3.86
CA ASN A 57 -19.92 -15.38 -3.86
C ASN A 57 -18.69 -15.26 -4.77
N ARG A 58 -18.71 -14.26 -5.64
CA ARG A 58 -17.67 -14.11 -6.65
C ARG A 58 -16.98 -12.76 -6.45
N PRO A 59 -15.68 -12.66 -6.80
CA PRO A 59 -14.95 -11.41 -6.58
C PRO A 59 -15.71 -10.21 -7.15
N LEU A 60 -15.82 -9.16 -6.35
CA LEU A 60 -16.73 -8.04 -6.64
C LEU A 60 -16.21 -7.03 -7.65
N LEU A 61 -14.90 -6.83 -7.65
CA LEU A 61 -14.31 -5.76 -8.46
C LEU A 61 -14.40 -5.99 -9.98
N MET A 62 -14.02 -7.17 -10.46
CA MET A 62 -14.10 -7.43 -11.90
C MET A 62 -15.56 -7.44 -12.33
N GLN A 63 -16.38 -7.91 -11.41
CA GLN A 63 -17.81 -8.00 -11.59
C GLN A 63 -18.40 -6.61 -11.85
N ILE A 64 -17.75 -5.58 -11.28
CA ILE A 64 -18.13 -4.18 -11.48
C ILE A 64 -17.52 -3.60 -12.75
N LEU A 65 -16.23 -3.87 -12.95
CA LEU A 65 -15.49 -3.46 -14.15
C LEU A 65 -16.11 -3.98 -15.46
N ARG A 66 -16.76 -5.14 -15.40
CA ARG A 66 -17.31 -5.75 -16.59
C ARG A 66 -18.83 -5.87 -16.49
N SER A 67 -19.48 -4.80 -16.07
CA SER A 67 -20.91 -4.85 -15.83
C SER A 67 -21.69 -4.13 -16.92
N ASP A 68 -23.01 -4.31 -16.91
CA ASP A 68 -23.89 -3.58 -17.82
C ASP A 68 -24.78 -2.65 -16.98
N PHE A 69 -24.23 -2.20 -15.86
CA PHE A 69 -24.93 -1.27 -14.99
C PHE A 69 -24.99 0.12 -15.60
N LYS A 70 -26.10 0.80 -15.44
CA LYS A 70 -26.08 2.24 -15.60
C LYS A 70 -26.03 2.88 -14.23
N LYS A 71 -25.50 4.10 -14.21
CA LYS A 71 -25.13 4.79 -12.98
C LYS A 71 -26.20 4.78 -11.90
N ASP A 72 -27.44 5.09 -12.26
CA ASP A 72 -28.51 5.19 -11.27
C ASP A 72 -28.74 3.87 -10.55
N PHE A 73 -28.50 2.76 -11.24
CA PHE A 73 -28.70 1.45 -10.67
C PHE A 73 -27.56 1.08 -9.73
N TYR A 74 -26.33 1.38 -10.16
CA TYR A 74 -25.18 1.16 -9.32
C TYR A 74 -25.27 1.92 -7.99
N VAL A 75 -25.64 3.21 -8.05
CA VAL A 75 -25.69 4.04 -6.83
C VAL A 75 -26.85 3.60 -5.94
N ASP A 76 -27.94 3.16 -6.54
CA ASP A 76 -29.08 2.74 -5.76
C ASP A 76 -28.77 1.45 -5.03
N GLN A 77 -27.95 0.61 -5.65
CA GLN A 77 -27.77 -0.74 -5.17
C GLN A 77 -26.59 -0.88 -4.20
N ILE A 78 -25.52 -0.12 -4.46
CA ILE A 78 -24.30 -0.18 -3.65
C ILE A 78 -24.53 0.36 -2.23
N HIS A 79 -25.52 1.25 -2.06
CA HIS A 79 -25.81 1.84 -0.76
C HIS A 79 -26.91 1.06 -0.01
N ARG A 80 -27.40 -0.01 -0.60
CA ARG A 80 -28.31 -0.88 0.13
C ARG A 80 -27.49 -2.04 0.67
N PRO A 81 -27.27 -2.05 2.00
CA PRO A 81 -26.23 -2.88 2.60
C PRO A 81 -26.48 -4.39 2.58
N ARG A 82 -25.39 -5.14 2.46
CA ARG A 82 -25.44 -6.58 2.65
C ARG A 82 -24.45 -6.95 3.74
N HIS A 83 -24.34 -8.24 4.05
CA HIS A 83 -23.35 -8.72 5.00
C HIS A 83 -22.79 -10.06 4.52
N TYR A 84 -21.47 -10.15 4.41
CA TYR A 84 -20.83 -11.38 3.95
C TYR A 84 -20.81 -12.48 5.02
N GLY A 85 -20.99 -12.08 6.27
CA GLY A 85 -20.87 -13.01 7.39
C GLY A 85 -19.62 -12.72 8.19
N LYS A 86 -19.08 -13.75 8.83
CA LYS A 86 -17.98 -13.53 9.75
C LYS A 86 -16.69 -13.19 9.02
N GLY A 87 -16.63 -13.50 7.73
CA GLY A 87 -15.45 -13.24 6.93
C GLY A 87 -15.55 -11.97 6.09
N SER A 88 -14.62 -11.82 5.16
CA SER A 88 -14.59 -10.66 4.27
C SER A 88 -14.77 -11.06 2.82
N ALA A 89 -15.75 -10.45 2.14
CA ALA A 89 -16.02 -10.74 0.72
C ALA A 89 -14.78 -10.50 -0.16
N PRO A 90 -14.61 -11.35 -1.17
CA PRO A 90 -13.44 -11.19 -2.05
C PRO A 90 -13.60 -10.01 -3.02
N LEU A 91 -12.57 -9.18 -3.15
CA LEU A 91 -12.60 -8.11 -4.13
C LEU A 91 -11.86 -8.53 -5.40
N PHE A 92 -10.73 -9.22 -5.23
CA PHE A 92 -9.95 -9.74 -6.35
C PHE A 92 -10.03 -11.26 -6.41
N GLY A 93 -9.93 -11.90 -5.26
CA GLY A 93 -9.98 -13.35 -5.17
C GLY A 93 -8.64 -14.01 -5.46
N ASN A 94 -7.68 -13.22 -5.92
CA ASN A 94 -6.34 -13.72 -6.20
C ASN A 94 -5.34 -13.24 -5.14
N PHE A 95 -4.07 -13.15 -5.53
CA PHE A 95 -2.98 -12.86 -4.60
C PHE A 95 -2.88 -11.38 -4.23
N LEU A 96 -3.72 -10.54 -4.83
CA LEU A 96 -3.77 -9.12 -4.49
C LEU A 96 -4.71 -8.90 -3.31
N GLU A 97 -5.47 -9.93 -2.95
CA GLU A 97 -6.48 -9.80 -1.91
C GLU A 97 -5.97 -9.24 -0.57
N PRO A 98 -4.73 -9.55 -0.16
CA PRO A 98 -4.28 -8.95 1.11
C PRO A 98 -4.34 -7.42 1.19
N LEU A 99 -4.06 -6.73 0.09
CA LEU A 99 -4.14 -5.27 0.04
C LEU A 99 -5.53 -4.69 0.35
N THR A 100 -6.56 -5.52 0.29
CA THR A 100 -7.93 -5.02 0.42
C THR A 100 -8.40 -5.19 1.84
N LYS A 101 -7.54 -5.70 2.70
CA LYS A 101 -7.92 -5.98 4.09
C LYS A 101 -7.05 -5.17 5.04
N THR A 102 -7.66 -4.26 5.80
CA THR A 102 -6.89 -3.42 6.70
C THR A 102 -7.60 -3.33 8.04
N ALA A 103 -6.90 -3.76 9.08
CA ALA A 103 -7.47 -3.78 10.42
C ALA A 103 -7.46 -2.38 11.01
N TRP A 104 -8.33 -2.16 12.00
CA TRP A 104 -8.45 -0.88 12.69
C TRP A 104 -7.10 -0.35 13.20
N TRP A 105 -6.26 -1.24 13.74
CA TRP A 105 -5.00 -0.82 14.34
C TRP A 105 -3.95 -0.37 13.33
N VAL A 106 -4.22 -0.56 12.04
CA VAL A 106 -3.25 -0.22 11.03
C VAL A 106 -3.04 1.29 10.91
N VAL A 107 -4.14 2.04 11.02
CA VAL A 107 -4.07 3.48 10.88
C VAL A 107 -3.23 4.15 12.00
N PRO A 108 -3.52 3.85 13.29
CA PRO A 108 -2.65 4.46 14.30
C PRO A 108 -1.17 4.07 14.17
N VAL A 109 -0.84 2.79 13.96
CA VAL A 109 0.57 2.38 13.90
C VAL A 109 1.28 2.95 12.68
N ALA A 110 0.54 3.19 11.59
CA ALA A 110 1.17 3.73 10.41
C ALA A 110 1.40 5.24 10.53
N TRP A 111 0.44 5.96 11.10
CA TRP A 111 0.45 7.42 10.93
C TRP A 111 0.78 8.25 12.16
N LEU A 112 0.50 7.73 13.35
CA LEU A 112 0.91 8.44 14.56
C LEU A 112 2.43 8.69 14.66
N PRO A 113 3.27 7.79 14.12
CA PRO A 113 4.67 8.22 14.11
C PRO A 113 4.93 9.41 13.17
N VAL A 114 4.18 9.52 12.09
CA VAL A 114 4.34 10.67 11.22
C VAL A 114 3.85 11.94 11.92
N VAL A 115 2.74 11.83 12.65
CA VAL A 115 2.21 12.95 13.44
C VAL A 115 3.24 13.47 14.43
N VAL A 116 3.81 12.56 15.19
CA VAL A 116 4.78 12.88 16.22
C VAL A 116 6.08 13.47 15.64
N TYR A 117 6.52 12.97 14.49
CA TYR A 117 7.74 13.50 13.88
C TYR A 117 7.55 14.94 13.42
N HIS A 118 6.49 15.19 12.66
CA HIS A 118 6.24 16.54 12.15
C HIS A 118 5.99 17.55 13.28
N MET A 119 5.31 17.11 14.33
CA MET A 119 5.04 18.00 15.44
C MET A 119 6.31 18.24 16.25
N GLY A 120 7.09 17.19 16.46
CA GLY A 120 8.35 17.30 17.19
C GLY A 120 9.32 18.26 16.53
N VAL A 121 9.38 18.25 15.20
CA VAL A 121 10.21 19.16 14.42
C VAL A 121 9.78 20.61 14.68
N ALA A 122 8.48 20.85 14.58
CA ALA A 122 7.93 22.18 14.82
C ALA A 122 8.26 22.69 16.23
N LEU A 123 8.22 21.81 17.22
CA LEU A 123 8.46 22.21 18.60
C LEU A 123 9.93 22.51 18.93
N LYS A 124 10.82 22.34 17.95
CA LYS A 124 12.25 22.62 18.17
C LYS A 124 12.67 23.83 17.33
N ASN A 125 11.79 24.34 16.49
CA ASN A 125 12.19 25.40 15.58
C ASN A 125 11.23 26.57 15.60
N MET A 126 10.33 26.56 16.57
CA MET A 126 9.21 27.49 16.56
C MET A 126 8.65 27.68 17.96
N ASN A 127 8.02 28.83 18.20
CA ASN A 127 7.33 29.07 19.45
C ASN A 127 6.37 27.92 19.70
N GLN A 128 6.61 27.18 20.78
CA GLN A 128 5.87 25.97 21.05
C GLN A 128 4.38 26.22 21.22
N LEU A 129 4.05 27.37 21.78
CA LEU A 129 2.66 27.71 22.05
C LEU A 129 1.92 27.98 20.74
N PHE A 130 2.59 28.61 19.80
CA PHE A 130 1.98 28.79 18.48
C PHE A 130 1.99 27.48 17.69
N ALA A 131 2.95 26.60 17.97
CA ALA A 131 2.99 25.30 17.29
C ALA A 131 1.79 24.47 17.74
N CYS A 132 1.56 24.41 19.05
CA CYS A 132 0.37 23.76 19.57
C CYS A 132 -0.90 24.38 18.98
N PHE A 133 -0.93 25.70 18.85
CA PHE A 133 -2.12 26.32 18.28
C PHE A 133 -2.31 25.90 16.83
N LEU A 134 -1.22 25.89 16.07
CA LEU A 134 -1.30 25.52 14.66
C LEU A 134 -1.63 24.04 14.48
N PHE A 135 -1.20 23.22 15.44
CA PHE A 135 -1.60 21.82 15.49
C PHE A 135 -3.12 21.71 15.56
N CYS A 136 -3.71 22.45 16.49
CA CYS A 136 -5.15 22.40 16.73
C CYS A 136 -5.96 22.87 15.53
N VAL A 137 -5.49 23.89 14.81
CA VAL A 137 -6.22 24.34 13.63
C VAL A 137 -6.12 23.26 12.55
N GLY A 138 -5.04 22.49 12.58
CA GLY A 138 -4.90 21.33 11.71
C GLY A 138 -6.05 20.36 11.96
N VAL A 139 -6.31 20.08 13.24
CA VAL A 139 -7.43 19.24 13.64
C VAL A 139 -8.79 19.84 13.22
N PHE A 140 -8.89 21.16 13.25
CA PHE A 140 -10.13 21.83 12.90
C PHE A 140 -10.38 21.76 11.39
N VAL A 141 -9.32 21.98 10.62
CA VAL A 141 -9.38 21.86 9.19
C VAL A 141 -9.66 20.40 8.79
N TRP A 142 -9.12 19.44 9.54
CA TRP A 142 -9.43 18.04 9.24
C TRP A 142 -10.94 17.80 9.23
N THR A 143 -11.64 18.30 10.24
CA THR A 143 -13.07 18.00 10.37
C THR A 143 -13.87 18.54 9.20
N LEU A 144 -13.35 19.61 8.58
CA LEU A 144 -14.00 20.21 7.43
C LEU A 144 -13.74 19.36 6.19
N ILE A 145 -12.48 18.99 6.01
CA ILE A 145 -12.07 17.98 5.02
C ILE A 145 -12.88 16.69 5.16
N GLU A 146 -12.94 16.17 6.38
CA GLU A 146 -13.76 15.00 6.71
C GLU A 146 -15.19 15.15 6.19
N TYR A 147 -15.81 16.29 6.46
CA TYR A 147 -17.16 16.60 5.95
C TYR A 147 -17.18 16.67 4.41
N GLY A 148 -16.17 17.33 3.84
CA GLY A 148 -16.14 17.58 2.40
C GLY A 148 -15.86 16.36 1.53
N LEU A 149 -14.82 15.60 1.88
CA LEU A 149 -14.54 14.35 1.21
C LEU A 149 -15.74 13.41 1.26
N HIS A 150 -16.30 13.26 2.45
CA HIS A 150 -17.42 12.35 2.64
C HIS A 150 -18.61 12.74 1.79
N ARG A 151 -18.98 14.01 1.84
CA ARG A 151 -20.20 14.47 1.14
C ARG A 151 -20.02 14.61 -0.37
N PHE A 152 -18.87 15.14 -0.80
CA PHE A 152 -18.71 15.53 -2.18
C PHE A 152 -17.84 14.57 -3.00
N LEU A 153 -16.87 13.89 -2.38
CA LEU A 153 -16.10 12.90 -3.14
C LEU A 153 -16.66 11.49 -2.95
N PHE A 154 -16.72 11.05 -1.70
CA PHE A 154 -17.25 9.73 -1.37
C PHE A 154 -18.70 9.52 -1.84
N HIS A 155 -19.55 10.53 -1.69
CA HIS A 155 -20.92 10.39 -2.16
C HIS A 155 -21.20 11.22 -3.40
N PHE A 156 -20.25 11.22 -4.33
CA PHE A 156 -20.45 11.71 -5.70
C PHE A 156 -21.80 11.24 -6.26
N ASP A 157 -22.05 9.93 -6.13
CA ASP A 157 -23.33 9.29 -6.45
C ASP A 157 -23.98 9.74 -7.76
N ASP A 158 -25.11 10.42 -7.67
CA ASP A 158 -25.88 10.89 -8.83
C ASP A 158 -25.00 11.55 -9.90
N TRP A 159 -24.00 12.32 -9.47
CA TRP A 159 -23.15 13.07 -10.38
C TRP A 159 -22.14 12.19 -11.14
N LEU A 160 -22.18 10.88 -10.91
CA LEU A 160 -21.24 9.96 -11.55
C LEU A 160 -21.49 9.74 -13.04
N PRO A 161 -20.41 9.53 -13.82
CA PRO A 161 -20.50 9.19 -15.24
C PRO A 161 -21.17 7.84 -15.47
N GLU A 162 -21.43 7.53 -16.73
CA GLU A 162 -21.86 6.19 -17.11
C GLU A 162 -20.63 5.37 -17.48
N SER A 163 -19.81 5.11 -16.46
CA SER A 163 -18.54 4.43 -16.62
C SER A 163 -18.32 3.37 -15.55
N ASN A 164 -17.81 2.21 -15.95
CA ASN A 164 -17.47 1.18 -15.00
C ASN A 164 -16.23 1.55 -14.19
N ILE A 165 -15.28 2.23 -14.81
CA ILE A 165 -14.07 2.65 -14.11
C ILE A 165 -14.41 3.67 -13.02
N ALA A 166 -15.49 4.42 -13.22
CA ALA A 166 -15.94 5.37 -12.21
C ALA A 166 -16.62 4.66 -11.04
N PHE A 167 -17.45 3.68 -11.35
CA PHE A 167 -18.13 2.90 -10.32
C PHE A 167 -17.12 2.13 -9.45
N ALA A 168 -16.03 1.68 -10.07
CA ALA A 168 -15.03 0.89 -9.34
C ALA A 168 -14.23 1.81 -8.42
N THR A 169 -13.98 3.03 -8.88
CA THR A 169 -13.29 4.05 -8.09
C THR A 169 -14.13 4.44 -6.88
N HIS A 170 -15.41 4.69 -7.13
CA HIS A 170 -16.37 5.00 -6.09
C HIS A 170 -16.43 3.88 -5.05
N PHE A 171 -16.62 2.66 -5.54
CA PHE A 171 -16.64 1.46 -4.72
C PHE A 171 -15.41 1.38 -3.80
N LEU A 172 -14.23 1.57 -4.37
CA LEU A 172 -13.00 1.52 -3.59
C LEU A 172 -12.86 2.65 -2.56
N LEU A 173 -13.46 3.81 -2.83
CA LEU A 173 -13.31 4.96 -1.92
C LEU A 173 -14.31 4.94 -0.77
N HIS A 174 -15.50 4.39 -1.00
CA HIS A 174 -16.55 4.46 -0.01
C HIS A 174 -17.75 3.54 -0.27
N GLY A 175 -18.04 3.28 -1.55
CA GLY A 175 -19.17 2.45 -1.91
C GLY A 175 -19.16 1.09 -1.22
N CYS A 176 -17.99 0.45 -1.22
CA CYS A 176 -17.84 -0.87 -0.60
C CYS A 176 -18.24 -0.84 0.87
N HIS A 177 -17.90 0.24 1.54
CA HIS A 177 -18.18 0.35 2.95
C HIS A 177 -19.70 0.44 3.19
N HIS A 178 -20.41 1.13 2.29
CA HIS A 178 -21.86 1.17 2.37
C HIS A 178 -22.47 -0.16 1.95
N TYR A 179 -21.84 -0.81 0.98
CA TYR A 179 -22.27 -2.11 0.55
C TYR A 179 -22.06 -3.11 1.69
N LEU A 180 -20.92 -3.03 2.39
CA LEU A 180 -20.64 -3.95 3.49
C LEU A 180 -20.14 -3.30 4.79
N PRO A 181 -21.03 -2.60 5.49
CA PRO A 181 -20.82 -1.81 6.72
C PRO A 181 -20.07 -2.58 7.83
N MET A 182 -20.43 -3.84 8.03
CA MET A 182 -19.85 -4.64 9.10
C MET A 182 -18.67 -5.50 8.67
N ASP A 183 -18.07 -5.21 7.51
CA ASP A 183 -16.81 -5.88 7.15
C ASP A 183 -15.66 -5.20 7.88
N LYS A 184 -15.22 -5.81 8.98
CA LYS A 184 -14.24 -5.17 9.87
C LYS A 184 -12.88 -4.88 9.19
N TYR A 185 -12.64 -5.44 8.01
CA TYR A 185 -11.38 -5.16 7.35
C TYR A 185 -11.52 -4.27 6.13
N ARG A 186 -12.71 -3.75 5.89
CA ARG A 186 -12.92 -2.83 4.77
C ARG A 186 -13.59 -1.54 5.23
N LEU A 187 -13.23 -1.08 6.44
CA LEU A 187 -13.78 0.15 6.96
C LEU A 187 -12.73 1.25 6.91
N VAL A 188 -11.64 1.09 7.66
CA VAL A 188 -10.63 2.13 7.66
C VAL A 188 -9.91 2.14 6.32
N MET A 189 -9.22 3.23 6.06
CA MET A 189 -8.59 3.43 4.77
C MET A 189 -7.28 2.68 4.72
N PRO A 190 -7.05 1.97 3.62
CA PRO A 190 -5.74 1.35 3.44
C PRO A 190 -4.69 2.43 3.19
N PRO A 191 -3.49 2.29 3.77
CA PRO A 191 -2.49 3.36 3.64
C PRO A 191 -2.17 3.65 2.17
N THR A 192 -2.17 2.61 1.35
CA THR A 192 -1.97 2.77 -0.08
C THR A 192 -2.93 3.81 -0.67
N LEU A 193 -4.22 3.72 -0.34
CA LEU A 193 -5.15 4.73 -0.83
C LEU A 193 -4.98 6.04 -0.08
N PHE A 194 -4.72 5.98 1.23
CA PHE A 194 -4.63 7.22 2.01
C PHE A 194 -3.51 8.14 1.46
N VAL A 195 -2.38 7.53 1.11
CA VAL A 195 -1.24 8.26 0.57
C VAL A 195 -1.58 9.04 -0.71
N ILE A 196 -2.32 8.41 -1.61
CA ILE A 196 -2.78 9.06 -2.84
C ILE A 196 -3.64 10.30 -2.58
N LEU A 197 -4.48 10.25 -1.54
CA LEU A 197 -5.41 11.33 -1.23
C LEU A 197 -4.74 12.42 -0.41
N CYS A 198 -3.87 12.00 0.49
CA CYS A 198 -3.19 12.91 1.39
C CYS A 198 -2.15 13.75 0.68
N ALA A 199 -1.51 13.15 -0.33
CA ALA A 199 -0.36 13.77 -0.98
C ALA A 199 -0.63 15.18 -1.49
N PRO A 200 -1.77 15.42 -2.17
CA PRO A 200 -2.04 16.81 -2.56
C PRO A 200 -2.26 17.77 -1.37
N PHE A 201 -2.76 17.28 -0.25
CA PHE A 201 -2.91 18.16 0.91
C PHE A 201 -1.55 18.50 1.53
N TYR A 202 -0.65 17.52 1.54
CA TYR A 202 0.69 17.70 2.08
C TYR A 202 1.46 18.76 1.30
N LYS A 203 1.38 18.68 -0.03
CA LYS A 203 2.03 19.65 -0.89
C LYS A 203 1.43 21.04 -0.74
N LEU A 204 0.10 21.11 -0.61
CA LEU A 204 -0.58 22.39 -0.50
C LEU A 204 -0.17 23.15 0.78
N VAL A 205 -0.23 22.46 1.92
CA VAL A 205 0.19 23.03 3.20
C VAL A 205 1.65 23.52 3.18
N PHE A 206 2.56 22.71 2.62
CA PHE A 206 3.98 23.06 2.63
C PHE A 206 4.33 24.08 1.54
N ALA A 207 3.39 24.35 0.65
CA ALA A 207 3.57 25.36 -0.39
C ALA A 207 3.04 26.71 0.05
N LEU A 208 2.04 26.71 0.93
CA LEU A 208 1.46 27.95 1.43
C LEU A 208 2.13 28.43 2.71
N LEU A 209 2.09 27.59 3.74
CA LEU A 209 2.55 27.98 5.07
C LEU A 209 4.06 28.04 5.17
N PRO A 210 4.56 28.90 6.08
CA PRO A 210 5.97 28.86 6.46
C PRO A 210 6.35 27.47 6.95
N LEU A 211 7.55 27.04 6.60
CA LEU A 211 8.00 25.68 6.81
C LEU A 211 7.53 25.02 8.12
N TYR A 212 7.92 25.57 9.28
CA TYR A 212 7.64 24.89 10.54
C TYR A 212 6.20 25.07 10.98
N TRP A 213 5.50 26.01 10.36
CA TRP A 213 4.06 26.14 10.54
C TRP A 213 3.37 24.95 9.87
N ALA A 214 3.97 24.50 8.76
CA ALA A 214 3.42 23.38 8.00
C ALA A 214 3.61 22.09 8.77
N TYR A 215 4.76 21.94 9.40
CA TYR A 215 5.03 20.78 10.24
C TYR A 215 3.96 20.64 11.31
N ALA A 216 3.71 21.71 12.05
CA ALA A 216 2.72 21.71 13.13
C ALA A 216 1.30 21.57 12.58
N GLY A 217 1.01 22.29 11.50
CA GLY A 217 -0.31 22.26 10.89
C GLY A 217 -0.64 20.90 10.29
N PHE A 218 0.30 20.35 9.52
CA PHE A 218 0.11 19.03 8.92
C PHE A 218 0.01 17.96 10.00
N ALA A 219 0.81 18.08 11.06
CA ALA A 219 0.76 17.07 12.11
C ALA A 219 -0.66 16.99 12.67
N GLY A 220 -1.28 18.15 12.85
CA GLY A 220 -2.63 18.23 13.38
C GLY A 220 -3.69 17.65 12.45
N GLY A 221 -3.66 18.05 11.18
CA GLY A 221 -4.55 17.50 10.19
C GLY A 221 -4.43 15.99 10.10
N LEU A 222 -3.20 15.48 10.18
CA LEU A 222 -2.97 14.06 10.11
C LEU A 222 -3.52 13.35 11.35
N PHE A 223 -3.29 13.95 12.52
CA PHE A 223 -3.80 13.40 13.79
C PHE A 223 -5.33 13.34 13.78
N GLY A 224 -5.93 14.37 13.20
CA GLY A 224 -7.38 14.43 13.05
C GLY A 224 -7.88 13.32 12.17
N TYR A 225 -7.14 13.02 11.10
CA TYR A 225 -7.52 11.90 10.23
C TYR A 225 -7.54 10.58 11.00
N VAL A 226 -6.48 10.34 11.78
CA VAL A 226 -6.37 9.12 12.59
C VAL A 226 -7.50 9.00 13.60
N CYS A 227 -7.86 10.12 14.22
CA CYS A 227 -8.97 10.12 15.15
C CYS A 227 -10.27 9.77 14.43
N TYR A 228 -10.47 10.34 13.25
CA TYR A 228 -11.64 10.06 12.41
C TYR A 228 -11.85 8.56 12.09
N ASP A 229 -10.82 7.91 11.55
CA ASP A 229 -10.95 6.53 11.05
C ASP A 229 -11.12 5.57 12.20
N GLU A 230 -10.40 5.83 13.30
CA GLU A 230 -10.56 5.04 14.51
C GLU A 230 -11.95 5.24 15.07
N CYS A 231 -12.36 6.50 15.19
CA CYS A 231 -13.72 6.79 15.59
C CYS A 231 -14.69 6.05 14.67
N HIS A 232 -14.52 6.26 13.36
CA HIS A 232 -15.38 5.63 12.35
C HIS A 232 -15.48 4.12 12.57
N PHE A 233 -14.34 3.47 12.77
CA PHE A 233 -14.33 2.04 13.07
C PHE A 233 -15.20 1.69 14.28
N PHE A 234 -14.99 2.37 15.39
CA PHE A 234 -15.58 1.90 16.64
C PHE A 234 -17.05 2.31 16.74
N LEU A 235 -17.46 3.21 15.85
CA LEU A 235 -18.88 3.49 15.69
C LEU A 235 -19.64 2.27 15.16
N HIS A 236 -18.99 1.49 14.30
CA HIS A 236 -19.62 0.30 13.73
C HIS A 236 -19.44 -0.94 14.60
N HIS A 237 -18.25 -1.10 15.15
CA HIS A 237 -17.85 -2.37 15.75
C HIS A 237 -17.64 -2.33 17.27
N SER A 238 -18.47 -1.57 17.97
CA SER A 238 -18.25 -1.40 19.41
C SER A 238 -19.42 -0.79 20.18
N LYS A 239 -19.68 -1.33 21.37
CA LYS A 239 -20.54 -0.65 22.32
C LYS A 239 -19.70 0.44 23.00
N LEU A 240 -20.00 1.68 22.66
CA LEU A 240 -19.14 2.77 23.10
C LEU A 240 -19.56 3.30 24.46
N PRO A 241 -18.66 4.02 25.15
CA PRO A 241 -19.07 4.76 26.34
C PRO A 241 -20.23 5.70 26.00
N PRO A 242 -21.13 5.95 26.97
CA PRO A 242 -22.38 6.69 26.78
C PRO A 242 -22.28 7.99 25.98
N PHE A 243 -21.22 8.77 26.18
CA PHE A 243 -21.15 10.09 25.57
C PHE A 243 -20.99 9.99 24.04
N MET A 244 -20.47 8.88 23.55
CA MET A 244 -20.34 8.67 22.11
C MET A 244 -21.50 7.86 21.53
N ARG A 245 -22.30 7.30 22.42
CA ARG A 245 -23.35 6.35 22.05
C ARG A 245 -24.37 6.96 21.08
N LYS A 246 -24.60 8.26 21.18
CA LYS A 246 -25.54 8.96 20.31
C LYS A 246 -24.91 9.40 19.01
N LEU A 247 -23.58 9.47 18.98
CA LEU A 247 -22.88 9.73 17.74
C LEU A 247 -22.94 8.44 16.90
N LYS A 248 -22.93 7.31 17.59
CA LYS A 248 -23.09 6.02 16.96
C LYS A 248 -24.45 5.89 16.27
N LYS A 249 -25.49 6.34 16.94
CA LYS A 249 -26.83 6.28 16.35
C LYS A 249 -26.87 7.17 15.11
N TYR A 250 -26.21 8.32 15.20
CA TYR A 250 -26.22 9.30 14.12
C TYR A 250 -25.55 8.77 12.87
N HIS A 251 -24.35 8.21 13.03
CA HIS A 251 -23.62 7.72 11.88
C HIS A 251 -24.27 6.47 11.27
N LEU A 252 -24.76 5.59 12.14
CA LEU A 252 -25.42 4.39 11.67
C LEU A 252 -26.67 4.71 10.86
N GLU A 253 -27.32 5.84 11.18
CA GLU A 253 -28.48 6.25 10.40
C GLU A 253 -28.06 6.74 9.02
N HIS A 254 -26.83 7.23 8.92
CA HIS A 254 -26.29 7.60 7.62
C HIS A 254 -26.20 6.36 6.72
N HIS A 255 -25.99 5.21 7.36
CA HIS A 255 -25.91 3.94 6.68
C HIS A 255 -27.29 3.32 6.43
N TYR A 256 -28.11 3.20 7.46
CA TYR A 256 -29.33 2.42 7.37
C TYR A 256 -30.63 3.24 7.34
N LYS A 257 -30.54 4.51 6.97
CA LYS A 257 -31.74 5.34 6.90
C LYS A 257 -31.65 6.41 5.80
N ASN A 258 -30.57 7.18 5.81
CA ASN A 258 -30.38 8.26 4.84
C ASN A 258 -28.91 8.59 4.63
N TYR A 259 -28.40 8.33 3.42
CA TYR A 259 -27.01 8.66 3.09
C TYR A 259 -26.91 9.94 2.25
N GLN A 260 -27.98 10.74 2.26
CA GLN A 260 -27.93 12.08 1.69
C GLN A 260 -27.68 13.08 2.82
N LEU A 261 -27.61 12.56 4.05
CA LEU A 261 -27.36 13.38 5.24
C LEU A 261 -26.36 12.68 6.16
N GLY A 262 -25.97 13.37 7.24
CA GLY A 262 -25.13 12.80 8.27
C GLY A 262 -23.69 12.53 7.83
N PHE A 263 -23.11 13.48 7.11
CA PHE A 263 -21.76 13.32 6.56
C PHE A 263 -20.67 13.47 7.61
N GLY A 264 -20.95 14.16 8.71
CA GLY A 264 -19.97 14.27 9.78
C GLY A 264 -19.93 13.00 10.59
N VAL A 265 -18.74 12.47 10.90
CA VAL A 265 -18.69 11.22 11.65
C VAL A 265 -17.88 11.38 12.94
N THR A 266 -16.99 12.37 13.01
CA THR A 266 -16.44 12.71 14.34
C THR A 266 -17.37 13.67 15.06
N SER A 267 -18.27 14.29 14.29
CA SER A 267 -19.35 15.14 14.84
C SER A 267 -20.28 15.57 13.72
N TRP A 268 -21.45 16.09 14.08
CA TRP A 268 -22.40 16.60 13.10
C TRP A 268 -22.33 18.12 13.02
N PHE A 269 -21.27 18.68 13.60
CA PHE A 269 -21.00 20.12 13.56
C PHE A 269 -21.22 20.71 12.17
N TRP A 270 -20.42 20.25 11.21
CA TRP A 270 -20.51 20.76 9.85
C TRP A 270 -21.81 20.35 9.14
N ASP A 271 -22.49 19.36 9.68
CA ASP A 271 -23.81 18.99 9.15
C ASP A 271 -24.81 20.10 9.46
N GLU A 272 -24.70 20.62 10.67
CA GLU A 272 -25.59 21.67 11.11
C GLU A 272 -25.29 22.95 10.33
N VAL A 273 -24.02 23.31 10.29
CA VAL A 273 -23.54 24.49 9.56
C VAL A 273 -24.02 24.51 8.11
N PHE A 274 -23.90 23.38 7.41
CA PHE A 274 -24.22 23.33 5.97
C PHE A 274 -25.55 22.66 5.67
N GLY A 275 -26.36 22.51 6.71
CA GLY A 275 -27.71 22.03 6.56
C GLY A 275 -27.81 20.66 5.93
N THR A 276 -27.08 19.71 6.49
CA THR A 276 -27.22 18.31 6.11
C THR A 276 -27.40 17.44 7.34
N TYR A 277 -27.76 18.07 8.46
CA TYR A 277 -27.98 17.35 9.72
C TYR A 277 -28.97 16.20 9.51
N LEU A 278 -28.81 15.14 10.29
CA LEU A 278 -29.67 13.98 10.18
C LEU A 278 -30.61 13.90 11.39
N GLY A 279 -31.67 14.71 11.35
CA GLY A 279 -32.61 14.83 12.46
C GLY A 279 -33.54 13.63 12.57
N PRO A 280 -34.42 13.63 13.58
CA PRO A 280 -35.23 12.43 13.84
C PRO A 280 -36.46 12.17 12.92
N ASP A 281 -36.79 13.11 12.02
CA ASP A 281 -37.84 12.96 10.98
C ASP A 281 -37.25 13.16 9.58
N ALA A 282 -35.94 12.95 9.47
CA ALA A 282 -35.31 12.84 8.16
C ALA A 282 -35.97 11.72 7.37
N PRO A 283 -36.14 11.92 6.05
CA PRO A 283 -36.76 10.91 5.20
C PRO A 283 -35.85 9.71 4.98
N LEU A 284 -36.41 8.60 4.52
CA LEU A 284 -35.61 7.47 4.07
C LEU A 284 -35.00 7.81 2.71
N SER A 285 -33.95 7.09 2.31
CA SER A 285 -33.38 7.27 0.99
C SER A 285 -34.18 6.47 -0.03
N LYS A 286 -34.16 6.90 -1.30
CA LYS A 286 -35.01 6.28 -2.29
C LYS A 286 -34.42 4.94 -2.74
N MET A 287 -35.30 3.97 -2.98
CA MET A 287 -34.88 2.66 -3.44
C MET A 287 -35.39 2.49 -4.87
N LYS A 288 -34.77 3.22 -5.79
CA LYS A 288 -35.25 3.39 -7.16
C LYS A 288 -35.46 2.09 -7.94
N TYR A 289 -34.59 1.11 -7.71
CA TYR A 289 -34.62 -0.13 -8.48
C TYR A 289 -35.09 -1.33 -7.64
N GLU A 290 -35.75 -2.29 -8.30
CA GLU A 290 -36.12 -3.56 -7.66
C GLU A 290 -36.21 -4.67 -8.72
N SER A 291 -35.59 -5.82 -8.42
CA SER A 291 -35.41 -6.93 -9.36
C SER A 291 -34.74 -6.53 -10.68
N GLY A 292 -33.88 -5.51 -10.60
CA GLY A 292 -33.15 -5.05 -11.78
C GLY A 292 -33.82 -3.89 -12.47
N LEU A 293 -35.13 -3.73 -12.24
CA LEU A 293 -35.90 -2.71 -12.93
C LEU A 293 -36.31 -1.54 -12.02
N GLU A 294 -36.49 -0.36 -12.61
CA GLU A 294 -36.87 0.86 -11.90
C GLU A 294 -38.39 0.91 -11.70
N VAL A 295 -38.83 1.58 -10.64
CA VAL A 295 -40.26 1.78 -10.38
C VAL A 295 -40.77 3.07 -11.07
N LEU A 296 -42.01 3.01 -11.57
CA LEU A 296 -42.62 4.12 -12.32
C LEU A 296 -41.81 4.51 -13.54
N PHE B 23 32.51 8.22 -19.90
CA PHE B 23 32.25 6.79 -19.94
C PHE B 23 30.75 6.49 -20.04
N ASP B 24 30.39 5.24 -19.77
CA ASP B 24 29.00 4.79 -19.84
C ASP B 24 28.66 3.85 -18.69
N SER B 25 27.60 4.17 -17.96
CA SER B 25 27.25 3.42 -16.75
C SER B 25 26.55 2.09 -17.04
N THR B 26 26.13 1.90 -18.29
CA THR B 26 25.41 0.68 -18.66
C THR B 26 26.34 -0.48 -18.98
N THR B 27 27.63 -0.30 -18.71
CA THR B 27 28.62 -1.33 -18.99
C THR B 27 29.18 -1.94 -17.71
N PHE B 28 29.16 -3.26 -17.65
CA PHE B 28 29.75 -4.01 -16.54
C PHE B 28 31.28 -4.01 -16.65
N VAL B 29 31.98 -3.79 -15.53
CA VAL B 29 33.45 -3.85 -15.50
C VAL B 29 33.87 -4.93 -14.46
N LYS B 30 35.14 -5.05 -14.11
CA LYS B 30 35.56 -6.12 -13.19
C LYS B 30 35.93 -5.52 -11.84
N GLU B 31 36.26 -4.24 -11.82
CA GLU B 31 36.51 -3.53 -10.58
C GLU B 31 35.56 -2.36 -10.41
N LEU B 32 34.90 -2.33 -9.26
CA LEU B 32 34.02 -1.24 -8.86
C LEU B 32 34.77 0.07 -8.88
N PRO B 33 34.31 1.01 -9.70
CA PRO B 33 34.89 2.34 -9.82
C PRO B 33 34.70 3.16 -8.55
N ALA B 34 35.05 4.43 -8.61
CA ALA B 34 34.93 5.31 -7.46
C ALA B 34 33.47 5.52 -7.07
N GLU B 35 33.24 5.60 -5.76
CA GLU B 35 31.96 6.04 -5.20
C GLU B 35 31.40 7.22 -6.00
N GLU B 36 32.25 8.22 -6.22
CA GLU B 36 31.94 9.46 -6.92
C GLU B 36 31.01 9.36 -8.13
N LYS B 37 31.31 8.44 -9.05
CA LYS B 37 30.63 8.40 -10.33
C LYS B 37 29.76 7.15 -10.50
N LEU B 38 29.37 6.53 -9.38
CA LEU B 38 28.18 5.66 -9.38
C LEU B 38 26.99 6.57 -9.20
N SER B 39 27.25 7.87 -9.16
CA SER B 39 26.21 8.85 -8.88
C SER B 39 26.18 9.92 -9.96
N ILE B 40 26.80 9.66 -11.11
CA ILE B 40 26.68 10.57 -12.24
C ILE B 40 25.36 10.39 -12.98
N ALA B 41 24.61 11.48 -13.14
CA ALA B 41 23.33 11.45 -13.84
C ALA B 41 23.51 11.00 -15.28
N THR B 42 22.72 10.01 -15.68
CA THR B 42 22.65 9.62 -17.08
C THR B 42 22.04 10.76 -17.89
N ASP B 43 22.60 11.02 -19.08
CA ASP B 43 21.96 11.93 -20.02
C ASP B 43 20.76 11.22 -20.65
N TYR B 44 19.57 11.75 -20.41
CA TYR B 44 18.33 11.06 -20.76
C TYR B 44 18.19 10.88 -22.28
N SER B 45 18.56 11.89 -23.05
CA SER B 45 18.42 11.80 -24.50
C SER B 45 19.46 10.90 -25.14
N ASN B 46 20.69 11.04 -24.69
CA ASN B 46 21.78 10.23 -25.25
C ASN B 46 21.55 8.76 -24.96
N ASP B 47 21.06 8.47 -23.75
CA ASP B 47 20.78 7.10 -23.32
C ASP B 47 19.65 6.47 -24.12
N TYR B 48 18.61 7.25 -24.37
CA TYR B 48 17.46 6.77 -25.13
C TYR B 48 17.90 6.44 -26.56
N LYS B 49 18.66 7.35 -27.16
CA LYS B 49 19.09 7.19 -28.55
C LYS B 49 20.12 6.08 -28.71
N LYS B 50 21.00 5.94 -27.72
CA LYS B 50 22.07 4.96 -27.81
C LYS B 50 21.54 3.54 -27.63
N HIS B 51 20.62 3.34 -26.69
CA HIS B 51 20.23 1.97 -26.32
C HIS B 51 18.85 1.53 -26.75
N LYS B 52 18.00 2.48 -27.14
CA LYS B 52 16.65 2.21 -27.66
C LYS B 52 15.74 1.50 -26.62
N PHE B 53 16.09 1.61 -25.34
CA PHE B 53 15.31 1.03 -24.25
C PHE B 53 14.29 2.04 -23.72
N LEU B 54 14.39 2.38 -22.43
CA LEU B 54 13.47 3.37 -21.83
C LEU B 54 13.95 4.81 -21.98
N ASP B 55 13.02 5.70 -22.27
CA ASP B 55 13.32 7.14 -22.25
C ASP B 55 13.06 7.72 -20.84
N LEU B 56 14.14 8.12 -20.18
CA LEU B 56 14.07 8.71 -18.84
C LEU B 56 13.41 10.11 -18.82
N ASN B 57 13.03 10.63 -19.97
CA ASN B 57 12.35 11.92 -20.00
C ASN B 57 10.84 11.81 -19.85
N ARG B 58 10.35 10.61 -19.59
CA ARG B 58 8.91 10.43 -19.45
C ARG B 58 8.62 9.18 -18.64
N PRO B 59 7.43 9.11 -18.03
CA PRO B 59 7.16 8.02 -17.08
C PRO B 59 7.52 6.65 -17.65
N LEU B 60 8.16 5.85 -16.82
CA LEU B 60 8.76 4.59 -17.26
C LEU B 60 7.77 3.46 -17.45
N LEU B 61 6.81 3.35 -16.55
CA LEU B 61 5.96 2.17 -16.50
C LEU B 61 5.08 1.98 -17.75
N MET B 62 4.49 3.04 -18.29
CA MET B 62 3.67 2.86 -19.49
C MET B 62 4.55 2.55 -20.69
N GLN B 63 5.79 3.04 -20.64
CA GLN B 63 6.79 2.75 -21.66
C GLN B 63 7.08 1.24 -21.75
N ILE B 64 6.82 0.51 -20.66
CA ILE B 64 7.04 -0.93 -20.60
C ILE B 64 5.76 -1.67 -20.93
N LEU B 65 4.65 -1.24 -20.34
CA LEU B 65 3.36 -1.87 -20.58
C LEU B 65 2.98 -1.84 -22.06
N ARG B 66 3.32 -0.75 -22.73
CA ARG B 66 2.97 -0.53 -24.13
C ARG B 66 4.20 -0.60 -25.04
N SER B 67 5.17 -1.43 -24.67
CA SER B 67 6.40 -1.55 -25.47
C SER B 67 6.29 -2.63 -26.50
N ASP B 68 7.32 -2.73 -27.33
CA ASP B 68 7.45 -3.83 -28.27
C ASP B 68 8.74 -4.58 -27.98
N PHE B 69 9.16 -4.54 -26.72
CA PHE B 69 10.37 -5.22 -26.30
C PHE B 69 10.24 -6.74 -26.37
N LYS B 70 11.28 -7.37 -26.92
CA LYS B 70 11.52 -8.78 -26.69
C LYS B 70 12.03 -8.98 -25.27
N LYS B 71 11.60 -10.06 -24.64
CA LYS B 71 12.06 -10.46 -23.30
C LYS B 71 13.57 -10.32 -23.09
N ASP B 72 14.35 -10.88 -24.00
CA ASP B 72 15.78 -10.86 -23.88
C ASP B 72 16.29 -9.44 -23.88
N PHE B 73 15.64 -8.59 -24.67
CA PHE B 73 16.01 -7.19 -24.72
C PHE B 73 15.70 -6.50 -23.40
N TYR B 74 14.50 -6.77 -22.87
CA TYR B 74 14.12 -6.18 -21.59
C TYR B 74 15.05 -6.67 -20.47
N VAL B 75 15.29 -7.99 -20.41
CA VAL B 75 16.13 -8.53 -19.36
C VAL B 75 17.51 -7.94 -19.49
N ASP B 76 18.01 -7.94 -20.72
CA ASP B 76 19.32 -7.36 -21.00
C ASP B 76 19.37 -5.90 -20.56
N GLN B 77 18.44 -5.05 -20.97
CA GLN B 77 18.71 -3.65 -20.65
C GLN B 77 18.32 -3.22 -19.23
N ILE B 78 17.34 -3.88 -18.61
CA ILE B 78 16.88 -3.41 -17.29
C ILE B 78 18.00 -3.58 -16.26
N HIS B 79 18.95 -4.48 -16.53
CA HIS B 79 20.00 -4.75 -15.56
C HIS B 79 21.28 -3.99 -15.88
N ARG B 80 21.23 -3.15 -16.90
CA ARG B 80 22.35 -2.25 -17.17
C ARG B 80 21.98 -0.88 -16.61
N PRO B 81 22.61 -0.50 -15.49
CA PRO B 81 22.11 0.58 -14.64
C PRO B 81 22.27 1.99 -15.20
N ARG B 82 21.27 2.82 -14.93
CA ARG B 82 21.32 4.24 -15.23
C ARG B 82 21.32 5.02 -13.92
N HIS B 83 21.26 6.35 -14.01
CA HIS B 83 21.12 7.20 -12.84
C HIS B 83 20.40 8.50 -13.22
N TYR B 84 19.25 8.73 -12.60
CA TYR B 84 18.39 9.86 -12.92
C TYR B 84 19.01 11.18 -12.46
N GLY B 85 19.85 11.09 -11.43
CA GLY B 85 20.39 12.28 -10.81
C GLY B 85 19.81 12.49 -9.43
N LYS B 86 19.61 13.76 -9.07
CA LYS B 86 19.15 14.10 -7.72
C LYS B 86 17.77 13.55 -7.43
N GLY B 87 16.88 13.63 -8.40
CA GLY B 87 15.50 13.26 -8.17
C GLY B 87 15.21 11.79 -8.38
N SER B 88 13.93 11.45 -8.34
CA SER B 88 13.50 10.10 -8.60
C SER B 88 12.75 10.03 -9.92
N ALA B 89 13.24 9.21 -10.84
CA ALA B 89 12.62 9.08 -12.15
C ALA B 89 11.15 8.74 -12.00
N PRO B 90 10.29 9.38 -12.80
CA PRO B 90 8.85 9.16 -12.75
C PRO B 90 8.46 7.76 -13.24
N LEU B 91 7.61 7.09 -12.48
CA LEU B 91 7.08 5.79 -12.89
C LEU B 91 5.72 5.98 -13.56
N PHE B 92 4.85 6.77 -12.96
CA PHE B 92 3.50 6.99 -13.46
C PHE B 92 3.32 8.41 -13.98
N GLY B 93 3.98 9.36 -13.34
CA GLY B 93 3.88 10.75 -13.74
C GLY B 93 2.58 11.45 -13.36
N ASN B 94 1.66 10.72 -12.76
CA ASN B 94 0.45 11.35 -12.25
C ASN B 94 0.32 11.15 -10.74
N PHE B 95 -0.93 11.22 -10.27
CA PHE B 95 -1.26 11.14 -8.85
C PHE B 95 -0.84 9.82 -8.18
N LEU B 96 -0.44 8.82 -8.95
CA LEU B 96 0.00 7.56 -8.36
C LEU B 96 1.47 7.59 -7.92
N GLU B 97 2.20 8.63 -8.34
CA GLU B 97 3.64 8.69 -8.04
C GLU B 97 4.02 8.57 -6.57
N PRO B 98 3.25 9.18 -5.64
CA PRO B 98 3.64 9.01 -4.23
C PRO B 98 3.83 7.56 -3.80
N LEU B 99 2.94 6.67 -4.22
CA LEU B 99 3.04 5.25 -3.88
C LEU B 99 4.37 4.58 -4.27
N THR B 100 5.09 5.22 -5.19
CA THR B 100 6.30 4.63 -5.74
C THR B 100 7.54 5.15 -5.06
N LYS B 101 7.37 5.91 -3.99
CA LYS B 101 8.52 6.48 -3.31
C LYS B 101 8.54 6.01 -1.85
N THR B 102 9.47 5.12 -1.52
CA THR B 102 9.53 4.58 -0.16
C THR B 102 10.87 4.91 0.48
N ALA B 103 10.85 5.78 1.48
CA ALA B 103 12.07 6.11 2.20
C ALA B 103 12.56 4.93 3.00
N TRP B 104 13.86 4.93 3.31
CA TRP B 104 14.48 3.85 4.07
C TRP B 104 13.83 3.62 5.44
N TRP B 105 13.36 4.70 6.09
CA TRP B 105 12.81 4.56 7.45
C TRP B 105 11.44 3.90 7.48
N VAL B 106 10.80 3.79 6.32
CA VAL B 106 9.44 3.27 6.25
C VAL B 106 9.38 1.84 6.75
N VAL B 107 10.38 1.04 6.38
CA VAL B 107 10.37 -0.36 6.78
C VAL B 107 10.49 -0.56 8.30
N PRO B 108 11.54 -0.01 8.95
CA PRO B 108 11.57 -0.14 10.41
C PRO B 108 10.26 0.32 11.08
N VAL B 109 9.72 1.50 10.73
CA VAL B 109 8.58 2.02 11.46
C VAL B 109 7.26 1.29 11.13
N ALA B 110 7.12 0.78 9.92
CA ALA B 110 5.94 -0.02 9.59
C ALA B 110 5.93 -1.38 10.28
N TRP B 111 7.07 -2.08 10.32
CA TRP B 111 7.07 -3.51 10.69
C TRP B 111 7.63 -3.90 12.06
N LEU B 112 8.56 -3.13 12.58
CA LEU B 112 9.05 -3.38 13.92
C LEU B 112 7.92 -3.43 14.96
N PRO B 113 6.89 -2.56 14.83
CA PRO B 113 5.81 -2.74 15.81
C PRO B 113 5.07 -4.08 15.66
N VAL B 114 4.94 -4.55 14.43
CA VAL B 114 4.37 -5.88 14.20
C VAL B 114 5.30 -6.96 14.78
N VAL B 115 6.62 -6.80 14.66
CA VAL B 115 7.56 -7.74 15.26
C VAL B 115 7.45 -7.73 16.78
N VAL B 116 7.38 -6.53 17.35
CA VAL B 116 7.35 -6.40 18.80
C VAL B 116 6.04 -6.97 19.34
N TYR B 117 4.91 -6.64 18.71
CA TYR B 117 3.62 -7.17 19.16
C TYR B 117 3.61 -8.67 19.15
N HIS B 118 3.91 -9.26 18.00
CA HIS B 118 3.87 -10.72 17.84
C HIS B 118 4.75 -11.45 18.84
N MET B 119 5.96 -10.94 19.05
CA MET B 119 6.87 -11.56 20.00
C MET B 119 6.34 -11.38 21.42
N GLY B 120 5.73 -10.24 21.68
CA GLY B 120 5.21 -9.91 22.99
C GLY B 120 4.12 -10.89 23.40
N VAL B 121 3.28 -11.24 22.43
CA VAL B 121 2.19 -12.17 22.67
C VAL B 121 2.75 -13.56 23.01
N ALA B 122 3.82 -13.96 22.32
CA ALA B 122 4.43 -15.27 22.58
C ALA B 122 5.08 -15.33 23.97
N LEU B 123 5.76 -14.27 24.36
CA LEU B 123 6.43 -14.25 25.67
C LEU B 123 5.42 -14.28 26.82
N LYS B 124 4.17 -13.97 26.52
CA LYS B 124 3.12 -13.90 27.54
C LYS B 124 2.24 -15.15 27.57
N ASN B 125 2.48 -16.11 26.68
CA ASN B 125 1.58 -17.27 26.57
C ASN B 125 2.33 -18.58 26.37
N MET B 126 3.64 -18.55 26.57
CA MET B 126 4.48 -19.64 26.14
C MET B 126 5.82 -19.61 26.88
N ASN B 127 6.51 -20.75 26.93
CA ASN B 127 7.85 -20.77 27.47
C ASN B 127 8.74 -19.76 26.75
N GLN B 128 9.26 -18.81 27.52
CA GLN B 128 10.01 -17.68 26.99
C GLN B 128 11.28 -18.05 26.24
N LEU B 129 12.09 -18.93 26.84
CA LEU B 129 13.34 -19.34 26.22
C LEU B 129 13.04 -20.10 24.92
N PHE B 130 11.98 -20.89 24.92
CA PHE B 130 11.55 -21.59 23.72
C PHE B 130 11.07 -20.59 22.65
N ALA B 131 10.21 -19.65 23.06
CA ALA B 131 9.78 -18.57 22.17
C ALA B 131 10.97 -17.77 21.63
N CYS B 132 11.97 -17.51 22.47
CA CYS B 132 13.20 -16.87 22.00
C CYS B 132 13.94 -17.72 20.97
N PHE B 133 13.95 -19.04 21.20
CA PHE B 133 14.67 -19.92 20.29
C PHE B 133 14.01 -19.96 18.92
N LEU B 134 12.68 -20.00 18.89
CA LEU B 134 11.92 -19.98 17.63
C LEU B 134 12.10 -18.67 16.86
N PHE B 135 12.23 -17.57 17.59
CA PHE B 135 12.52 -16.28 16.99
C PHE B 135 13.81 -16.37 16.18
N CYS B 136 14.88 -16.84 16.83
CA CYS B 136 16.17 -16.97 16.16
C CYS B 136 16.09 -17.89 14.94
N VAL B 137 15.28 -18.94 15.05
CA VAL B 137 15.08 -19.85 13.93
C VAL B 137 14.31 -19.13 12.82
N GLY B 138 13.39 -18.27 13.24
CA GLY B 138 12.67 -17.41 12.30
C GLY B 138 13.63 -16.50 11.53
N VAL B 139 14.66 -16.01 12.21
CA VAL B 139 15.66 -15.17 11.53
C VAL B 139 16.47 -16.05 10.58
N PHE B 140 16.77 -17.28 10.98
CA PHE B 140 17.54 -18.19 10.14
C PHE B 140 16.77 -18.59 8.88
N VAL B 141 15.46 -18.73 9.00
CA VAL B 141 14.63 -19.09 7.86
C VAL B 141 14.52 -17.90 6.91
N TRP B 142 14.53 -16.69 7.47
CA TRP B 142 14.49 -15.50 6.64
C TRP B 142 15.65 -15.50 5.63
N THR B 143 16.87 -15.69 6.15
CA THR B 143 18.06 -15.63 5.31
C THR B 143 17.93 -16.55 4.10
N LEU B 144 17.17 -17.63 4.28
CA LEU B 144 16.91 -18.59 3.20
C LEU B 144 15.86 -18.04 2.24
N ILE B 145 14.77 -17.51 2.80
CA ILE B 145 13.74 -16.83 2.00
C ILE B 145 14.35 -15.69 1.18
N GLU B 146 15.23 -14.91 1.81
CA GLU B 146 15.95 -13.82 1.16
C GLU B 146 16.67 -14.34 -0.07
N TYR B 147 17.38 -15.45 0.08
CA TYR B 147 18.13 -16.04 -1.02
C TYR B 147 17.19 -16.51 -2.13
N GLY B 148 16.16 -17.25 -1.74
CA GLY B 148 15.19 -17.78 -2.70
C GLY B 148 14.52 -16.71 -3.54
N LEU B 149 13.87 -15.76 -2.88
CA LEU B 149 13.13 -14.72 -3.57
C LEU B 149 14.04 -13.91 -4.49
N HIS B 150 15.21 -13.57 -4.00
CA HIS B 150 16.16 -12.81 -4.80
C HIS B 150 16.57 -13.59 -6.05
N ARG B 151 16.89 -14.87 -5.88
CA ARG B 151 17.43 -15.64 -6.98
C ARG B 151 16.36 -16.12 -7.97
N PHE B 152 15.24 -16.62 -7.45
CA PHE B 152 14.25 -17.25 -8.31
C PHE B 152 13.04 -16.38 -8.63
N LEU B 153 12.67 -15.47 -7.74
CA LEU B 153 11.58 -14.56 -8.07
C LEU B 153 12.13 -13.28 -8.70
N PHE B 154 12.94 -12.55 -7.95
CA PHE B 154 13.45 -11.24 -8.38
C PHE B 154 14.27 -11.35 -9.67
N HIS B 155 15.02 -12.44 -9.80
CA HIS B 155 15.79 -12.67 -11.01
C HIS B 155 15.22 -13.84 -11.81
N PHE B 156 13.91 -13.79 -12.00
CA PHE B 156 13.23 -14.68 -12.93
C PHE B 156 13.87 -14.56 -14.30
N ASP B 157 14.14 -13.31 -14.71
CA ASP B 157 14.94 -12.97 -15.88
C ASP B 157 14.68 -13.81 -17.12
N ASP B 158 15.62 -14.70 -17.44
CA ASP B 158 15.55 -15.45 -18.71
C ASP B 158 14.35 -16.39 -18.81
N TRP B 159 13.69 -16.66 -17.68
CA TRP B 159 12.50 -17.51 -17.68
C TRP B 159 11.20 -16.73 -17.95
N LEU B 160 11.28 -15.41 -18.01
CA LEU B 160 10.11 -14.53 -18.23
C LEU B 160 9.42 -14.80 -19.57
N PRO B 161 8.07 -14.80 -19.58
CA PRO B 161 7.30 -14.91 -20.82
C PRO B 161 7.41 -13.67 -21.72
N GLU B 162 7.15 -13.83 -23.02
CA GLU B 162 7.11 -12.69 -23.91
C GLU B 162 5.86 -11.87 -23.62
N SER B 163 5.93 -11.05 -22.57
CA SER B 163 4.76 -10.37 -22.02
C SER B 163 5.09 -9.04 -21.30
N ASN B 164 4.54 -7.93 -21.78
CA ASN B 164 4.75 -6.64 -21.12
C ASN B 164 4.28 -6.62 -19.66
N ILE B 165 3.16 -7.27 -19.38
CA ILE B 165 2.69 -7.37 -17.99
C ILE B 165 3.71 -8.08 -17.08
N ALA B 166 4.43 -9.05 -17.62
CA ALA B 166 5.45 -9.73 -16.84
C ALA B 166 6.69 -8.85 -16.65
N PHE B 167 7.03 -8.08 -17.69
CA PHE B 167 8.15 -7.14 -17.61
C PHE B 167 7.87 -6.09 -16.53
N ALA B 168 6.67 -5.52 -16.56
CA ALA B 168 6.26 -4.52 -15.57
C ALA B 168 6.31 -5.06 -14.16
N THR B 169 5.88 -6.31 -13.99
CA THR B 169 5.84 -6.95 -12.69
C THR B 169 7.25 -7.17 -12.21
N HIS B 170 8.07 -7.70 -13.12
CA HIS B 170 9.49 -7.85 -12.85
C HIS B 170 10.08 -6.48 -12.47
N PHE B 171 9.72 -5.47 -13.24
CA PHE B 171 10.19 -4.12 -13.02
C PHE B 171 9.90 -3.65 -11.60
N LEU B 172 8.66 -3.85 -11.14
CA LEU B 172 8.25 -3.38 -9.82
C LEU B 172 8.83 -4.21 -8.67
N LEU B 173 9.14 -5.47 -8.92
CA LEU B 173 9.69 -6.30 -7.85
C LEU B 173 11.15 -6.01 -7.55
N HIS B 174 11.94 -5.65 -8.59
CA HIS B 174 13.40 -5.66 -8.45
C HIS B 174 14.12 -5.04 -9.65
N GLY B 175 13.55 -5.20 -10.83
CA GLY B 175 14.14 -4.68 -12.04
C GLY B 175 14.47 -3.20 -11.98
N CYS B 176 13.56 -2.41 -11.42
CA CYS B 176 13.73 -0.97 -11.32
C CYS B 176 14.92 -0.62 -10.42
N HIS B 177 15.11 -1.40 -9.36
CA HIS B 177 16.27 -1.25 -8.52
C HIS B 177 17.59 -1.48 -9.28
N HIS B 178 17.69 -2.57 -10.04
CA HIS B 178 18.88 -2.80 -10.85
C HIS B 178 19.06 -1.70 -11.92
N TYR B 179 17.94 -1.18 -12.43
CA TYR B 179 17.98 -0.18 -13.49
C TYR B 179 18.41 1.17 -12.95
N LEU B 180 18.03 1.45 -11.71
CA LEU B 180 18.36 2.72 -11.06
C LEU B 180 18.83 2.50 -9.60
N PRO B 181 19.99 1.84 -9.44
CA PRO B 181 20.53 1.41 -8.13
C PRO B 181 20.75 2.51 -7.09
N MET B 182 20.89 3.78 -7.48
CA MET B 182 21.12 4.85 -6.49
C MET B 182 19.91 5.75 -6.25
N ASP B 183 18.73 5.26 -6.64
CA ASP B 183 17.46 5.94 -6.31
C ASP B 183 17.04 5.63 -4.87
N LYS B 184 17.34 6.53 -3.93
CA LYS B 184 17.14 6.22 -2.51
C LYS B 184 15.67 5.89 -2.15
N TYR B 185 14.71 6.28 -2.99
CA TYR B 185 13.30 5.98 -2.74
C TYR B 185 12.75 4.78 -3.51
N ARG B 186 13.62 4.07 -4.21
CA ARG B 186 13.17 2.94 -5.01
C ARG B 186 13.98 1.69 -4.72
N LEU B 187 14.51 1.60 -3.51
CA LEU B 187 15.32 0.47 -3.05
C LEU B 187 14.54 -0.47 -2.13
N VAL B 188 14.10 -0.01 -0.96
CA VAL B 188 13.39 -0.89 -0.05
C VAL B 188 11.98 -1.17 -0.58
N MET B 189 11.40 -2.28 -0.13
CA MET B 189 10.07 -2.69 -0.55
C MET B 189 9.00 -1.74 -0.05
N PRO B 190 8.23 -1.19 -0.98
CA PRO B 190 6.98 -0.52 -0.60
C PRO B 190 6.10 -1.46 0.21
N PRO B 191 5.52 -0.99 1.32
CA PRO B 191 4.70 -1.90 2.12
C PRO B 191 3.56 -2.55 1.33
N THR B 192 3.03 -1.84 0.34
CA THR B 192 2.03 -2.38 -0.58
C THR B 192 2.46 -3.69 -1.24
N LEU B 193 3.63 -3.69 -1.87
CA LEU B 193 4.12 -4.94 -2.43
C LEU B 193 4.55 -5.94 -1.34
N PHE B 194 5.16 -5.46 -0.26
CA PHE B 194 5.64 -6.39 0.75
C PHE B 194 4.51 -7.26 1.31
N VAL B 195 3.35 -6.64 1.51
CA VAL B 195 2.21 -7.36 2.05
C VAL B 195 1.76 -8.51 1.14
N ILE B 196 1.72 -8.25 -0.17
CA ILE B 196 1.38 -9.25 -1.15
C ILE B 196 2.34 -10.45 -1.11
N LEU B 197 3.63 -10.16 -0.96
CA LEU B 197 4.66 -11.20 -0.93
C LEU B 197 4.76 -11.93 0.41
N CYS B 198 4.46 -11.21 1.49
CA CYS B 198 4.57 -11.76 2.84
C CYS B 198 3.35 -12.60 3.22
N ALA B 199 2.21 -12.28 2.61
CA ALA B 199 0.96 -12.93 2.98
C ALA B 199 0.99 -14.45 2.85
N PRO B 200 1.52 -14.99 1.73
CA PRO B 200 1.55 -16.46 1.69
C PRO B 200 2.41 -17.09 2.78
N PHE B 201 3.54 -16.48 3.12
CA PHE B 201 4.36 -17.00 4.22
C PHE B 201 3.60 -16.95 5.55
N TYR B 202 2.93 -15.84 5.79
CA TYR B 202 2.18 -15.66 7.03
C TYR B 202 1.10 -16.74 7.18
N LYS B 203 0.34 -16.96 6.11
CA LYS B 203 -0.77 -17.90 6.17
C LYS B 203 -0.23 -19.29 6.45
N LEU B 204 0.95 -19.56 5.92
CA LEU B 204 1.62 -20.85 6.03
C LEU B 204 2.11 -21.18 7.46
N VAL B 205 2.71 -20.20 8.13
CA VAL B 205 3.24 -20.41 9.47
C VAL B 205 2.12 -20.67 10.46
N PHE B 206 1.09 -19.83 10.39
CA PHE B 206 -0.07 -20.02 11.25
C PHE B 206 -0.94 -21.22 10.82
N ALA B 207 -0.69 -21.75 9.63
CA ALA B 207 -1.35 -22.98 9.22
C ALA B 207 -0.61 -24.19 9.81
N LEU B 208 0.72 -24.11 9.82
CA LEU B 208 1.56 -25.24 10.23
C LEU B 208 1.93 -25.29 11.72
N LEU B 209 2.12 -24.14 12.33
CA LEU B 209 2.62 -24.09 13.70
C LEU B 209 1.52 -23.81 14.71
N PRO B 210 1.68 -24.31 15.94
CA PRO B 210 0.67 -23.97 16.95
C PRO B 210 0.71 -22.50 17.28
N LEU B 211 -0.43 -21.97 17.73
CA LEU B 211 -0.72 -20.55 17.71
C LEU B 211 0.44 -19.65 18.15
N TYR B 212 0.94 -19.86 19.36
CA TYR B 212 1.97 -18.98 19.91
C TYR B 212 3.36 -19.33 19.38
N TRP B 213 3.50 -20.53 18.85
CA TRP B 213 4.74 -20.86 18.14
C TRP B 213 4.80 -20.04 16.86
N ALA B 214 3.63 -19.81 16.27
CA ALA B 214 3.56 -19.04 15.04
C ALA B 214 3.87 -17.56 15.29
N TYR B 215 3.39 -17.02 16.42
CA TYR B 215 3.67 -15.63 16.78
C TYR B 215 5.18 -15.37 16.90
N ALA B 216 5.85 -16.23 17.65
CA ALA B 216 7.29 -16.11 17.88
C ALA B 216 8.10 -16.34 16.60
N GLY B 217 7.70 -17.33 15.80
CA GLY B 217 8.44 -17.66 14.60
C GLY B 217 8.27 -16.63 13.49
N PHE B 218 7.06 -16.12 13.34
CA PHE B 218 6.80 -15.05 12.38
C PHE B 218 7.51 -13.75 12.75
N ALA B 219 7.56 -13.44 14.05
CA ALA B 219 8.19 -12.21 14.53
C ALA B 219 9.66 -12.15 14.15
N GLY B 220 10.33 -13.30 14.20
CA GLY B 220 11.74 -13.37 13.87
C GLY B 220 11.99 -13.36 12.38
N GLY B 221 11.08 -13.97 11.61
CA GLY B 221 11.17 -13.92 10.17
C GLY B 221 10.93 -12.51 9.67
N LEU B 222 9.99 -11.80 10.30
CA LEU B 222 9.71 -10.42 9.91
C LEU B 222 10.86 -9.51 10.32
N PHE B 223 11.43 -9.78 11.48
CA PHE B 223 12.57 -9.02 11.96
C PHE B 223 13.75 -9.20 11.00
N GLY B 224 13.96 -10.45 10.59
CA GLY B 224 14.99 -10.77 9.61
C GLY B 224 14.81 -9.93 8.36
N TYR B 225 13.57 -9.81 7.90
CA TYR B 225 13.26 -9.04 6.71
C TYR B 225 13.66 -7.58 6.88
N VAL B 226 13.28 -6.97 8.00
CA VAL B 226 13.58 -5.57 8.23
C VAL B 226 15.09 -5.37 8.28
N CYS B 227 15.79 -6.31 8.91
CA CYS B 227 17.24 -6.27 8.92
C CYS B 227 17.77 -6.31 7.51
N TYR B 228 17.25 -7.22 6.71
CA TYR B 228 17.63 -7.33 5.32
C TYR B 228 17.53 -6.01 4.51
N ASP B 229 16.40 -5.32 4.62
CA ASP B 229 16.11 -4.18 3.77
C ASP B 229 16.84 -2.91 4.24
N GLU B 230 17.03 -2.77 5.56
CA GLU B 230 17.84 -1.69 6.09
C GLU B 230 19.29 -1.95 5.71
N CYS B 231 19.68 -3.22 5.83
CA CYS B 231 20.98 -3.65 5.39
C CYS B 231 21.17 -3.32 3.91
N HIS B 232 20.34 -3.92 3.07
CA HIS B 232 20.32 -3.62 1.63
C HIS B 232 20.50 -2.12 1.35
N PHE B 233 19.66 -1.30 1.98
CA PHE B 233 19.68 0.13 1.74
C PHE B 233 21.05 0.74 2.03
N PHE B 234 21.57 0.49 3.22
CA PHE B 234 22.80 1.17 3.61
C PHE B 234 24.03 0.60 2.90
N LEU B 235 23.89 -0.59 2.34
CA LEU B 235 24.92 -1.15 1.47
C LEU B 235 25.15 -0.25 0.24
N HIS B 236 24.08 0.39 -0.23
CA HIS B 236 24.16 1.28 -1.39
C HIS B 236 24.52 2.69 -0.96
N HIS B 237 24.05 3.11 0.22
CA HIS B 237 24.02 4.54 0.52
C HIS B 237 24.85 4.99 1.72
N SER B 238 25.74 4.14 2.21
CA SER B 238 26.57 4.55 3.33
C SER B 238 27.95 3.89 3.33
N LYS B 239 28.95 4.68 3.71
CA LYS B 239 30.26 4.15 4.04
C LYS B 239 30.14 3.44 5.37
N LEU B 240 29.98 2.13 5.32
CA LEU B 240 29.62 1.34 6.48
C LEU B 240 30.75 1.21 7.51
N PRO B 241 30.47 0.58 8.67
CA PRO B 241 31.51 0.10 9.59
C PRO B 241 32.40 -1.05 9.02
N PRO B 242 33.72 -1.10 9.37
CA PRO B 242 34.74 -2.01 8.77
C PRO B 242 34.26 -3.43 8.47
N PHE B 243 33.61 -4.11 9.43
CA PHE B 243 33.21 -5.52 9.23
C PHE B 243 32.12 -5.69 8.18
N MET B 244 31.43 -4.58 7.90
CA MET B 244 30.31 -4.61 7.00
C MET B 244 30.70 -4.05 5.63
N ARG B 245 31.96 -3.62 5.46
CA ARG B 245 32.37 -2.88 4.26
C ARG B 245 32.65 -3.83 3.07
N LYS B 246 32.93 -5.11 3.33
CA LYS B 246 33.25 -6.02 2.22
C LYS B 246 32.01 -6.77 1.80
N LEU B 247 30.98 -6.71 2.66
CA LEU B 247 29.67 -7.16 2.24
C LEU B 247 29.14 -6.15 1.23
N LYS B 248 29.44 -4.87 1.48
CA LYS B 248 29.11 -3.80 0.56
C LYS B 248 29.69 -4.04 -0.82
N LYS B 249 30.96 -4.40 -0.88
CA LYS B 249 31.62 -4.66 -2.16
C LYS B 249 30.96 -5.86 -2.84
N TYR B 250 30.56 -6.84 -2.04
CA TYR B 250 29.96 -8.06 -2.56
C TYR B 250 28.65 -7.77 -3.27
N HIS B 251 27.83 -6.93 -2.66
CA HIS B 251 26.51 -6.68 -3.18
C HIS B 251 26.55 -5.71 -4.36
N LEU B 252 27.49 -4.78 -4.32
CA LEU B 252 27.63 -3.80 -5.40
C LEU B 252 28.09 -4.45 -6.69
N GLU B 253 28.86 -5.54 -6.61
CA GLU B 253 29.29 -6.22 -7.82
C GLU B 253 28.21 -7.14 -8.36
N HIS B 254 27.23 -7.46 -7.52
CA HIS B 254 26.03 -8.16 -7.96
C HIS B 254 25.23 -7.26 -8.90
N HIS B 255 25.30 -5.96 -8.63
CA HIS B 255 24.66 -4.96 -9.45
C HIS B 255 25.48 -4.66 -10.68
N TYR B 256 26.67 -4.16 -10.41
CA TYR B 256 27.45 -3.46 -11.41
C TYR B 256 28.35 -4.37 -12.26
N LYS B 257 28.55 -5.61 -11.83
CA LYS B 257 29.51 -6.50 -12.49
C LYS B 257 28.89 -7.84 -12.94
N ASN B 258 28.21 -8.54 -12.03
CA ASN B 258 27.54 -9.78 -12.39
C ASN B 258 26.26 -10.04 -11.58
N TYR B 259 25.11 -10.09 -12.25
CA TYR B 259 23.85 -10.29 -11.52
C TYR B 259 23.29 -11.70 -11.66
N GLN B 260 24.16 -12.64 -12.02
CA GLN B 260 23.78 -14.06 -12.03
C GLN B 260 24.38 -14.79 -10.84
N LEU B 261 25.01 -14.02 -9.95
CA LEU B 261 25.62 -14.54 -8.73
C LEU B 261 25.43 -13.54 -7.59
N GLY B 262 25.74 -13.99 -6.37
CA GLY B 262 25.69 -13.13 -5.20
C GLY B 262 24.28 -12.68 -4.87
N PHE B 263 23.39 -13.63 -4.69
CA PHE B 263 22.00 -13.31 -4.38
C PHE B 263 21.77 -13.06 -2.88
N GLY B 264 22.80 -13.30 -2.07
CA GLY B 264 22.73 -13.01 -0.65
C GLY B 264 23.04 -11.56 -0.37
N VAL B 265 22.20 -10.93 0.46
CA VAL B 265 22.35 -9.52 0.78
C VAL B 265 22.81 -9.35 2.23
N THR B 266 22.23 -10.10 3.15
CA THR B 266 22.70 -10.06 4.53
C THR B 266 23.92 -10.96 4.72
N SER B 267 24.09 -11.95 3.85
CA SER B 267 25.27 -12.80 3.86
C SER B 267 25.37 -13.57 2.56
N TRP B 268 26.60 -13.98 2.21
CA TRP B 268 26.80 -14.82 1.04
C TRP B 268 26.79 -16.30 1.39
N PHE B 269 26.33 -16.63 2.60
CA PHE B 269 26.32 -18.02 3.08
C PHE B 269 25.61 -18.96 2.10
N TRP B 270 24.37 -18.65 1.76
CA TRP B 270 23.61 -19.50 0.86
C TRP B 270 24.12 -19.41 -0.58
N ASP B 271 24.98 -18.44 -0.85
CA ASP B 271 25.66 -18.39 -2.14
C ASP B 271 26.74 -19.47 -2.16
N GLU B 272 27.46 -19.59 -1.05
CA GLU B 272 28.45 -20.64 -0.87
C GLU B 272 27.80 -22.01 -0.95
N VAL B 273 26.69 -22.17 -0.23
CA VAL B 273 25.98 -23.44 -0.15
C VAL B 273 25.48 -23.92 -1.50
N PHE B 274 24.75 -23.06 -2.20
CA PHE B 274 24.17 -23.47 -3.50
C PHE B 274 25.04 -23.03 -4.66
N GLY B 275 26.28 -22.68 -4.35
CA GLY B 275 27.28 -22.42 -5.37
C GLY B 275 26.96 -21.25 -6.28
N THR B 276 26.51 -20.14 -5.71
CA THR B 276 26.36 -18.90 -6.47
C THR B 276 27.21 -17.79 -5.85
N TYR B 277 28.31 -18.16 -5.22
CA TYR B 277 29.24 -17.20 -4.65
C TYR B 277 29.84 -16.30 -5.72
N LEU B 278 29.75 -14.99 -5.53
CA LEU B 278 30.34 -14.02 -6.46
C LEU B 278 31.79 -13.73 -6.04
N GLY B 279 32.72 -14.52 -6.55
CA GLY B 279 34.14 -14.37 -6.23
C GLY B 279 34.93 -13.64 -7.30
N PRO B 280 36.26 -13.58 -7.14
CA PRO B 280 37.14 -12.86 -8.08
C PRO B 280 37.21 -13.53 -9.46
N ASP B 281 36.90 -14.82 -9.50
CA ASP B 281 36.89 -15.61 -10.73
C ASP B 281 35.82 -15.07 -11.66
N ALA B 282 34.70 -14.68 -11.05
CA ALA B 282 33.50 -14.25 -11.74
C ALA B 282 33.75 -13.36 -12.95
N PRO B 283 33.10 -13.70 -14.07
CA PRO B 283 33.13 -12.92 -15.31
C PRO B 283 32.03 -11.86 -15.33
N LEU B 284 31.99 -11.08 -16.41
CA LEU B 284 30.96 -10.05 -16.56
C LEU B 284 29.64 -10.67 -17.04
N SER B 285 28.55 -9.93 -16.89
CA SER B 285 27.27 -10.30 -17.51
C SER B 285 27.33 -9.89 -18.98
N LYS B 286 26.46 -10.48 -19.80
CA LYS B 286 26.78 -10.63 -21.22
C LYS B 286 26.57 -9.40 -22.13
N MET B 287 25.64 -8.51 -21.80
CA MET B 287 25.43 -7.31 -22.63
C MET B 287 25.09 -7.64 -24.10
N LYS B 288 23.92 -8.26 -24.30
CA LYS B 288 23.44 -8.71 -25.62
C LYS B 288 23.23 -7.63 -26.67
N TYR B 289 22.69 -6.49 -26.27
CA TYR B 289 22.18 -5.53 -27.24
C TYR B 289 22.95 -4.23 -27.28
N GLU B 290 23.09 -3.70 -28.50
CA GLU B 290 23.65 -2.37 -28.72
C GLU B 290 22.83 -1.72 -29.82
N SER B 291 22.37 -0.49 -29.56
CA SER B 291 21.52 0.26 -30.50
C SER B 291 20.25 -0.49 -30.88
N GLY B 292 19.69 -1.23 -29.94
CA GLY B 292 18.43 -1.92 -30.12
C GLY B 292 18.54 -3.26 -30.84
N LEU B 293 19.73 -3.55 -31.34
CA LEU B 293 19.99 -4.81 -32.04
C LEU B 293 20.90 -5.72 -31.21
N GLU B 294 20.75 -7.02 -31.39
CA GLU B 294 21.64 -7.96 -30.72
C GLU B 294 22.90 -8.12 -31.57
N VAL B 295 24.06 -8.09 -30.92
CA VAL B 295 25.32 -8.22 -31.61
C VAL B 295 25.66 -9.70 -31.85
N LEU B 296 25.88 -10.06 -33.11
CA LEU B 296 26.21 -11.45 -33.44
C LEU B 296 27.71 -11.66 -33.51
N PHE B 297 28.43 -10.57 -33.76
CA PHE B 297 29.83 -10.62 -34.21
C PHE B 297 30.01 -11.57 -35.39
ZN ZN C . -19.57 3.94 8.33
ZN ZN D . -21.15 7.55 3.54
C1 BOG E . -12.00 1.68 1.48
O1 BOG E . -11.33 0.45 1.37
C2 BOG E . -12.99 1.58 2.62
O2 BOG E . -14.00 0.68 2.22
C3 BOG E . -13.66 2.92 2.85
O3 BOG E . -14.43 2.94 4.03
C4 BOG E . -12.67 4.03 2.89
O4 BOG E . -13.39 5.24 2.85
C5 BOG E . -11.78 3.95 1.66
O5 BOG E . -11.08 2.73 1.71
C6 BOG E . -10.86 5.16 1.70
O6 BOG E . -9.62 4.92 1.07
C1' BOG E . -11.21 -0.05 0.05
C2' BOG E . -10.50 -1.38 0.03
C3' BOG E . -9.84 -1.56 -1.33
C4' BOG E . -8.35 -1.78 -1.22
C5' BOG E . -7.63 -1.12 -2.37
C6' BOG E . -6.23 -1.69 -2.50
C7' BOG E . -5.45 -0.92 -3.55
C8' BOG E . -5.87 -1.39 -4.92
C1 BOG F . -18.30 15.84 20.83
O1 BOG F . -17.12 15.68 20.09
C2 BOG F . -18.61 14.57 21.60
O2 BOG F . -18.95 13.49 20.73
C3 BOG F . -19.77 14.77 22.54
O3 BOG F . -19.83 13.71 23.45
C4 BOG F . -19.66 16.09 23.29
O4 BOG F . -20.92 16.37 23.88
C5 BOG F . -19.28 17.23 22.38
O5 BOG F . -18.08 16.92 21.71
C6 BOG F . -19.05 18.48 23.20
O6 BOG F . -20.21 19.29 23.24
C1' BOG F . -16.75 16.80 19.30
C2' BOG F . -15.43 16.44 18.64
C3' BOG F . -15.13 17.34 17.46
C4' BOG F . -13.64 17.31 17.18
C5' BOG F . -13.21 15.88 16.92
C6' BOG F . -11.72 15.75 17.14
C7' BOG F . -11.17 14.62 16.29
C8' BOG F . -11.34 14.96 14.83
C1 BOG G . -13.82 0.31 23.42
O1 BOG G . -13.69 1.16 22.30
C2 BOG G . -14.94 -0.67 23.14
O2 BOG G . -16.14 0.03 22.97
C3 BOG G . -15.10 -1.64 24.29
O3 BOG G . -15.97 -2.67 23.90
C4 BOG G . -13.75 -2.21 24.68
O4 BOG G . -13.89 -2.90 25.90
C5 BOG G . -12.77 -1.07 24.87
O5 BOG G . -12.63 -0.38 23.65
C6 BOG G . -11.43 -1.60 25.32
O6 BOG G . -11.22 -2.89 24.78
C1' BOG G . -14.01 2.52 22.52
C2' BOG G . -13.23 3.36 21.52
C3' BOG G . -13.65 4.81 21.60
C4' BOG G . -12.50 5.69 21.18
C5' BOG G . -12.26 5.56 19.69
C6' BOG G . -12.14 6.95 19.10
C7' BOG G . -10.71 7.44 19.20
C8' BOG G . -10.61 8.77 18.48
C1 BOG H . -9.67 -3.37 21.34
O1 BOG H . -9.51 -2.30 22.23
C2 BOG H . -9.37 -4.70 22.03
O2 BOG H . -8.06 -4.69 22.52
C3 BOG H . -9.51 -5.82 21.02
O3 BOG H . -9.44 -7.07 21.68
C4 BOG H . -10.84 -5.72 20.30
O4 BOG H . -10.85 -6.64 19.24
C5 BOG H . -11.03 -4.30 19.78
O5 BOG H . -10.99 -3.39 20.85
C6 BOG H . -12.38 -4.18 19.08
O6 BOG H . -12.19 -4.28 17.69
C1' BOG H . -9.91 -1.06 21.70
C2' BOG H . -8.76 -0.07 21.75
C3' BOG H . -9.24 1.28 21.26
C4' BOG H . -8.06 2.17 20.88
C5' BOG H . -8.50 3.08 19.74
C6' BOG H . -7.83 4.43 19.85
C7' BOG H . -6.55 4.44 19.05
C8' BOG H . -6.08 5.88 18.87
C1 BOG I . -7.10 -7.99 17.54
O1 BOG I . -6.37 -7.45 18.61
C2 BOG I . -7.38 -9.43 17.90
O2 BOG I . -6.16 -10.12 17.99
C3 BOG I . -8.26 -10.09 16.86
O3 BOG I . -8.68 -11.33 17.35
C4 BOG I . -9.47 -9.22 16.60
O4 BOG I . -10.18 -9.74 15.49
C5 BOG I . -9.03 -7.80 16.30
O5 BOG I . -8.31 -7.28 17.40
C6 BOG I . -10.26 -6.94 16.04
O6 BOG I . -10.64 -7.01 14.68
C1' BOG I . -5.34 -6.57 18.25
C2' BOG I . -4.67 -6.07 19.52
C3' BOG I . -4.38 -4.60 19.39
C4' BOG I . -3.01 -4.40 18.77
C5' BOG I . -2.36 -3.19 19.40
C6' BOG I . -2.93 -1.89 18.84
C7' BOG I . -1.86 -0.83 18.79
C8' BOG I . -2.44 0.52 18.41
C1 BOG J . -4.39 -11.87 13.75
O1 BOG J . -3.34 -11.05 14.16
C2 BOG J . -5.58 -11.62 14.64
O2 BOG J . -5.21 -11.82 15.98
C3 BOG J . -6.68 -12.58 14.23
O3 BOG J . -7.86 -12.27 14.93
C4 BOG J . -6.92 -12.46 12.75
O4 BOG J . -7.83 -13.45 12.32
C5 BOG J . -5.62 -12.58 11.99
O5 BOG J . -4.74 -11.57 12.42
C6 BOG J . -5.87 -12.46 10.51
O6 BOG J . -6.22 -13.73 9.98
C1' BOG J . -3.39 -9.76 13.62
C2' BOG J . -3.84 -8.78 14.68
C3' BOG J . -2.69 -8.49 15.62
C4' BOG J . -2.39 -7.01 15.63
C5' BOG J . -0.90 -6.76 15.48
C6' BOG J . -0.53 -5.41 16.07
C7' BOG J . 0.83 -5.02 15.54
C8' BOG J . 1.13 -3.56 15.83
C1 TRD K . -7.95 12.12 3.20
C2 TRD K . -6.90 13.21 3.12
C3 TRD K . -6.34 13.48 4.52
C4 TRD K . -5.61 14.81 4.59
C5 TRD K . -4.94 14.96 5.95
C6 TRD K . -4.03 16.17 5.95
C7 TRD K . -4.69 17.33 6.65
C8 TRD K . -4.10 18.67 6.21
C9 TRD K . -4.23 19.70 7.33
C10 TRD K . -3.84 21.10 6.89
C11 TRD K . -3.90 22.06 8.07
C12 TRD K . -3.43 23.45 7.66
C13 TRD K . -3.36 24.42 8.84
C1 TRD L . 8.26 15.87 -5.71
C2 TRD L . 8.48 15.50 -4.26
C3 TRD L . 7.55 16.29 -3.37
C4 TRD L . 7.77 15.92 -1.92
C5 TRD L . 6.46 15.47 -1.30
C6 TRD L . 5.88 14.34 -2.13
C7 TRD L . 4.48 14.01 -1.67
C8 TRD L . 4.53 13.50 -0.24
C9 TRD L . 3.30 12.66 0.03
C10 TRD L . 3.14 12.52 1.53
C11 TRD L . 1.97 11.62 1.86
C12 TRD L . 1.42 12.01 3.22
C13 TRD L . 2.44 11.69 4.30
ZN ZN M . 20.98 -3.56 -4.29
ZN ZN N . 19.45 -8.50 -7.84
C1 BOG O . 4.57 4.69 3.17
O1 BOG O . 3.43 3.98 3.57
C2 BOG O . 4.65 4.58 1.68
O2 BOG O . 4.84 3.24 1.29
C3 BOG O . 5.77 5.42 1.11
O3 BOG O . 5.46 5.55 -0.25
C4 BOG O . 5.86 6.79 1.76
O4 BOG O . 7.16 7.34 1.61
C5 BOG O . 5.59 6.71 3.25
O5 BOG O . 4.39 6.04 3.52
C6 BOG O . 5.45 8.10 3.79
O6 BOG O . 4.47 8.06 4.80
C1' BOG O . 3.37 3.69 4.95
C2' BOG O . 2.89 2.26 5.09
C3' BOG O . 2.44 2.03 6.50
C4' BOG O . 1.64 0.75 6.53
C5' BOG O . 2.52 -0.39 6.96
C6' BOG O . 1.72 -1.32 7.85
C7' BOG O . 2.11 -1.10 9.30
C8' BOG O . 1.58 -2.25 10.13
C1 BOG P . 15.42 -25.44 -11.37
O1 BOG P . 14.08 -25.16 -11.03
C2 BOG P . 15.85 -24.58 -12.54
O2 BOG P . 15.10 -24.85 -13.70
C3 BOG P . 17.30 -24.87 -12.86
O3 BOG P . 17.74 -24.02 -13.90
C4 BOG P . 18.12 -24.63 -11.62
O4 BOG P . 19.47 -24.97 -11.87
C5 BOG P . 17.57 -25.48 -10.49
O5 BOG P . 16.22 -25.14 -10.25
C6 BOG P . 18.37 -25.22 -9.23
O6 BOG P . 19.59 -25.92 -9.27
C1' BOG P . 13.09 -25.68 -11.88
C2' BOG P . 12.51 -26.95 -11.30
C3' BOG P . 12.11 -26.71 -9.86
C4' BOG P . 11.72 -28.01 -9.21
C5' BOG P . 10.21 -28.06 -9.08
C6' BOG P . 9.75 -29.49 -9.30
C7' BOG P . 9.61 -29.76 -10.78
C8' BOG P . 9.56 -31.25 -11.02
C1 TRD Q . 9.68 -19.19 10.42
C2 TRD Q . 8.77 -18.21 9.71
C3 TRD Q . 9.54 -17.33 8.73
C4 TRD Q . 8.55 -16.30 8.17
C5 TRD Q . 9.22 -15.18 7.38
C6 TRD Q . 8.16 -14.17 6.96
C7 TRD Q . 8.79 -12.91 6.41
C8 TRD Q . 8.05 -12.44 5.18
C9 TRD Q . 8.84 -12.82 3.94
C10 TRD Q . 8.41 -12.05 2.70
C11 TRD Q . 9.61 -11.26 2.23
C12 TRD Q . 9.34 -10.52 0.93
C13 TRD Q . 10.60 -9.79 0.50
C1 TRD R . 13.44 -4.11 -4.76
C2 TRD R . 13.35 -2.59 -4.81
C3 TRD R . 12.38 -2.10 -5.88
C4 TRD R . 10.95 -2.08 -5.37
C5 TRD R . 10.36 -0.73 -5.73
C6 TRD R . 9.02 -0.89 -6.41
C7 TRD R . 8.53 0.46 -6.92
C8 TRD R . 7.05 0.33 -7.22
C9 TRD R . 6.23 1.27 -6.35
C10 TRD R . 4.99 0.58 -5.82
C11 TRD R . 3.85 0.72 -6.80
C12 TRD R . 2.53 0.33 -6.16
C13 TRD R . 1.55 -0.02 -7.26
C1 TRD S . 10.38 17.02 0.43
C2 TRD S . 10.67 15.74 1.19
C3 TRD S . 11.71 15.98 2.27
C4 TRD S . 11.77 14.83 3.22
C5 TRD S . 10.37 14.46 3.70
C6 TRD S . 10.37 14.35 5.21
C7 TRD S . 9.45 13.23 5.66
C8 TRD S . 9.90 12.78 7.04
C9 TRD S . 8.86 11.90 7.72
C10 TRD S . 9.58 11.00 8.71
C11 TRD S . 8.60 10.13 9.49
C12 TRD S . 9.36 9.42 10.57
C13 TRD S . 8.45 8.63 11.48
C1 TRD T . 20.61 8.26 4.04
C2 TRD T . 20.26 8.65 5.46
C3 TRD T . 20.66 7.52 6.39
C4 TRD T . 21.57 8.07 7.46
C5 TRD T . 20.77 8.31 8.72
C6 TRD T . 21.15 7.32 9.79
C7 TRD T . 20.96 5.90 9.28
C8 TRD T . 21.59 4.92 10.26
C9 TRD T . 20.54 4.29 11.15
C10 TRD T . 20.19 2.89 10.67
C11 TRD T . 18.84 2.49 11.23
C12 TRD T . 18.52 1.04 10.89
C13 TRD T . 17.14 0.68 11.40
C1 TRD U . 14.86 14.49 4.22
C2 TRD U . 14.85 15.24 5.54
C3 TRD U . 15.39 14.33 6.63
C4 TRD U . 14.93 12.92 6.35
C5 TRD U . 13.88 12.49 7.36
C6 TRD U . 14.52 11.56 8.38
C7 TRD U . 13.43 10.85 9.16
C8 TRD U . 14.04 9.85 10.11
C9 TRD U . 12.97 8.90 10.61
C10 TRD U . 13.45 8.19 11.85
C11 TRD U . 13.02 6.73 11.86
C12 TRD U . 14.23 5.85 12.09
C13 TRD U . 13.79 4.47 12.55
C1 TRD V . 9.40 -7.82 23.58
C2 TRD V . 7.93 -7.49 23.49
C3 TRD V . 7.43 -6.82 24.76
C4 TRD V . 6.17 -6.02 24.50
C5 TRD V . 4.92 -6.87 24.67
C6 TRD V . 3.74 -6.31 23.88
C7 TRD V . 2.76 -7.43 23.59
C8 TRD V . 1.34 -7.01 23.92
C9 TRD V . 0.37 -8.14 23.66
C10 TRD V . -1.03 -7.71 24.05
C11 TRD V . -1.97 -8.90 24.02
C12 TRD V . -3.37 -8.47 24.39
C13 TRD V . -3.44 -8.05 25.85
#